data_2AQC
#
_entry.id   2AQC
#
loop_
_entity.id
_entity.type
_entity.pdbx_description
1 polymer 'Ribosome biogenesis protein Nop10'
2 non-polymer 'ZINC ION'
#
_entity_poly.entity_id   1
_entity_poly.type   'polypeptide(L)'
_entity_poly.pdbx_seq_one_letter_code
;GSHMVEMRMKKCPKCGLYTLKEICPKCGEKTVIPKPPKFSLEDRWGKYRRMLKRALKNKNKAE
;
_entity_poly.pdbx_strand_id   A
#
# COMPACT_ATOMS: atom_id res chain seq x y z
N GLY A 1 -8.41 -8.44 18.43
CA GLY A 1 -9.27 -7.71 19.34
C GLY A 1 -10.66 -7.51 18.79
N SER A 2 -11.58 -7.05 19.63
CA SER A 2 -12.96 -6.82 19.22
C SER A 2 -13.05 -5.66 18.25
N HIS A 3 -12.45 -4.53 18.62
CA HIS A 3 -12.46 -3.34 17.78
C HIS A 3 -11.32 -3.38 16.77
N MET A 4 -11.62 -3.00 15.53
CA MET A 4 -10.61 -2.98 14.48
C MET A 4 -9.65 -1.82 14.66
N VAL A 5 -8.37 -2.07 14.44
CA VAL A 5 -7.35 -1.04 14.58
C VAL A 5 -7.10 -0.33 13.26
N GLU A 6 -6.78 0.97 13.33
CA GLU A 6 -6.53 1.76 12.13
C GLU A 6 -5.44 1.11 11.28
N MET A 7 -5.61 1.18 9.97
CA MET A 7 -4.65 0.60 9.03
C MET A 7 -3.24 1.12 9.32
N ARG A 8 -2.24 0.38 8.87
CA ARG A 8 -0.84 0.77 9.08
C ARG A 8 -0.55 2.11 8.39
N MET A 9 0.71 2.53 8.45
CA MET A 9 1.12 3.79 7.85
C MET A 9 0.70 3.84 6.38
N LYS A 10 0.63 5.05 5.84
CA LYS A 10 0.23 5.24 4.44
C LYS A 10 1.38 5.83 3.63
N LYS A 11 1.14 6.03 2.33
CA LYS A 11 2.15 6.58 1.45
C LYS A 11 1.54 7.64 0.53
N CYS A 12 2.32 8.66 0.21
CA CYS A 12 1.86 9.73 -0.67
C CYS A 12 1.76 9.25 -2.11
N PRO A 13 0.53 9.27 -2.66
CA PRO A 13 0.28 8.84 -4.03
C PRO A 13 0.86 9.81 -5.06
N LYS A 14 1.40 10.92 -4.58
CA LYS A 14 1.99 11.92 -5.46
C LYS A 14 3.51 11.74 -5.56
N CYS A 15 4.14 11.50 -4.41
CA CYS A 15 5.58 11.30 -4.37
C CYS A 15 5.91 9.84 -4.07
N GLY A 16 5.41 9.34 -2.95
CA GLY A 16 5.68 7.97 -2.57
C GLY A 16 6.35 7.86 -1.21
N LEU A 17 6.16 8.87 -0.37
CA LEU A 17 6.76 8.88 0.95
C LEU A 17 5.83 8.25 1.98
N TYR A 18 6.38 7.39 2.82
CA TYR A 18 5.59 6.72 3.85
C TYR A 18 5.54 7.56 5.12
N THR A 19 4.42 7.48 5.83
CA THR A 19 4.23 8.23 7.07
C THR A 19 2.91 7.87 7.74
N LEU A 20 2.75 8.28 8.99
CA LEU A 20 1.53 8.01 9.74
C LEU A 20 0.82 9.30 10.10
N LYS A 21 1.21 10.40 9.45
CA LYS A 21 0.61 11.70 9.69
C LYS A 21 -0.54 11.96 8.72
N GLU A 22 -0.79 10.99 7.84
CA GLU A 22 -1.86 11.12 6.86
C GLU A 22 -1.60 12.31 5.92
N ILE A 23 -0.40 12.86 5.99
CA ILE A 23 -0.02 13.98 5.15
C ILE A 23 1.44 13.90 4.72
N CYS A 24 1.72 14.36 3.51
CA CYS A 24 3.08 14.33 2.98
C CYS A 24 3.83 15.61 3.32
N PRO A 25 4.82 15.51 4.21
CA PRO A 25 5.63 16.65 4.64
C PRO A 25 6.54 17.17 3.53
N LYS A 26 6.58 16.44 2.41
CA LYS A 26 7.40 16.83 1.27
C LYS A 26 6.70 17.88 0.44
N CYS A 27 5.53 17.54 -0.09
CA CYS A 27 4.76 18.46 -0.93
C CYS A 27 3.60 19.05 -0.14
N GLY A 28 3.01 18.24 0.73
CA GLY A 28 1.89 18.71 1.53
C GLY A 28 0.57 18.10 1.09
N GLU A 29 0.63 16.91 0.52
CA GLU A 29 -0.56 16.22 0.05
C GLU A 29 -0.89 15.02 0.93
N LYS A 30 -2.17 14.84 1.24
CA LYS A 30 -2.61 13.73 2.07
C LYS A 30 -2.05 12.40 1.56
N THR A 31 -1.71 11.51 2.49
CA THR A 31 -1.17 10.21 2.13
C THR A 31 -2.27 9.17 2.02
N VAL A 32 -2.05 8.18 1.17
CA VAL A 32 -3.03 7.12 0.96
C VAL A 32 -2.38 5.74 1.09
N ILE A 33 -3.19 4.74 1.39
CA ILE A 33 -2.70 3.37 1.54
C ILE A 33 -2.13 2.85 0.23
N PRO A 34 -0.81 2.63 0.20
CA PRO A 34 -0.12 2.11 -0.98
C PRO A 34 -0.46 0.66 -1.29
N LYS A 35 -0.87 -0.08 -0.26
CA LYS A 35 -1.24 -1.47 -0.40
C LYS A 35 -2.71 -1.68 -0.12
N PRO A 36 -3.57 -1.29 -1.09
CA PRO A 36 -5.02 -1.42 -0.98
C PRO A 36 -5.47 -2.87 -1.04
N PRO A 37 -6.75 -3.11 -0.69
CA PRO A 37 -7.33 -4.45 -0.70
C PRO A 37 -7.51 -5.00 -2.11
N LYS A 38 -6.98 -6.19 -2.36
CA LYS A 38 -7.09 -6.82 -3.67
C LYS A 38 -8.19 -7.88 -3.68
N PHE A 39 -8.37 -8.54 -2.54
CA PHE A 39 -9.40 -9.57 -2.42
C PHE A 39 -10.50 -9.14 -1.46
N SER A 40 -11.68 -8.88 -2.01
CA SER A 40 -12.81 -8.45 -1.20
C SER A 40 -13.90 -9.51 -1.17
N LEU A 41 -14.20 -10.02 0.03
CA LEU A 41 -15.21 -11.05 0.19
C LEU A 41 -16.59 -10.50 -0.15
N GLU A 42 -16.87 -9.28 0.25
CA GLU A 42 -18.15 -8.64 -0.01
C GLU A 42 -17.97 -7.31 -0.72
N ASP A 43 -16.92 -6.58 -0.33
CA ASP A 43 -16.63 -5.29 -0.94
C ASP A 43 -17.76 -4.29 -0.66
N ARG A 44 -18.40 -4.45 0.49
CA ARG A 44 -19.50 -3.57 0.88
C ARG A 44 -19.05 -2.11 0.85
N TRP A 45 -17.89 -1.84 1.40
CA TRP A 45 -17.35 -0.49 1.44
C TRP A 45 -16.39 -0.24 0.28
N GLY A 46 -16.51 -1.07 -0.76
CA GLY A 46 -15.65 -0.93 -1.92
C GLY A 46 -15.80 0.42 -2.59
N LYS A 47 -16.76 0.51 -3.52
CA LYS A 47 -17.00 1.75 -4.24
C LYS A 47 -17.20 2.92 -3.27
N TYR A 48 -17.71 2.61 -2.08
CA TYR A 48 -17.94 3.63 -1.06
C TYR A 48 -16.67 4.43 -0.79
N ARG A 49 -15.53 3.81 -1.01
CA ARG A 49 -14.24 4.47 -0.79
C ARG A 49 -14.18 5.79 -1.55
N ARG A 50 -14.85 5.84 -2.70
CA ARG A 50 -14.86 7.04 -3.52
C ARG A 50 -15.48 8.21 -2.76
N MET A 51 -16.45 7.91 -1.90
CA MET A 51 -17.13 8.93 -1.11
C MET A 51 -16.85 8.74 0.38
N LEU A 52 -15.74 8.11 0.69
CA LEU A 52 -15.35 7.86 2.08
C LEU A 52 -14.57 9.03 2.65
N LYS A 53 -13.88 9.75 1.78
CA LYS A 53 -13.09 10.91 2.18
C LYS A 53 -13.94 11.91 2.96
N ARG A 54 -13.50 12.25 4.16
CA ARG A 54 -14.23 13.20 5.00
C ARG A 54 -13.26 14.09 5.78
N ALA A 55 -13.80 15.12 6.41
CA ALA A 55 -12.98 16.04 7.20
C ALA A 55 -13.21 15.83 8.70
N LEU A 56 -12.22 15.23 9.35
CA LEU A 56 -12.32 14.97 10.79
C LEU A 56 -10.92 14.92 11.42
N LYS A 57 -10.67 15.84 12.34
CA LYS A 57 -9.38 15.91 13.02
C LYS A 57 -9.39 15.07 14.29
N ASN A 58 -8.46 14.13 14.39
CA ASN A 58 -8.36 13.26 15.55
C ASN A 58 -6.99 13.38 16.21
N LYS A 59 -6.88 12.87 17.43
CA LYS A 59 -5.61 12.90 18.16
C LYS A 59 -5.04 11.49 18.34
N ASN A 60 -3.80 11.32 17.92
CA ASN A 60 -3.13 10.02 18.04
C ASN A 60 -2.79 9.71 19.48
N LYS A 61 -2.69 8.42 19.79
CA LYS A 61 -2.37 7.98 21.15
C LYS A 61 -1.08 7.17 21.17
N ALA A 62 -0.26 7.39 22.19
CA ALA A 62 1.00 6.67 22.33
C ALA A 62 0.77 5.25 22.84
N GLU A 63 1.34 4.27 22.14
CA GLU A 63 1.18 2.87 22.53
C GLU A 63 2.02 2.56 23.77
N GLY A 1 22.45 3.56 12.49
CA GLY A 1 21.36 3.91 11.59
C GLY A 1 20.52 2.70 11.20
N SER A 2 19.35 2.58 11.81
CA SER A 2 18.46 1.47 11.52
C SER A 2 17.01 1.95 11.40
N HIS A 3 16.38 1.62 10.27
CA HIS A 3 15.00 2.02 10.02
C HIS A 3 14.09 0.79 9.90
N MET A 4 12.80 1.01 10.08
CA MET A 4 11.82 -0.08 10.00
C MET A 4 10.64 0.32 9.12
N VAL A 5 10.01 -0.68 8.51
CA VAL A 5 8.86 -0.43 7.65
C VAL A 5 7.60 -1.10 8.19
N GLU A 6 6.44 -0.61 7.77
CA GLU A 6 5.17 -1.17 8.22
C GLU A 6 4.13 -1.13 7.10
N MET A 7 2.95 -1.67 7.37
CA MET A 7 1.87 -1.69 6.40
C MET A 7 0.68 -0.88 6.89
N ARG A 8 0.50 -0.83 8.21
CA ARG A 8 -0.61 -0.09 8.80
C ARG A 8 -0.52 1.39 8.45
N MET A 9 0.66 1.85 8.10
CA MET A 9 0.87 3.24 7.73
C MET A 9 0.38 3.51 6.32
N LYS A 10 0.67 4.71 5.80
CA LYS A 10 0.26 5.08 4.46
C LYS A 10 1.41 5.69 3.68
N LYS A 11 1.17 6.05 2.43
CA LYS A 11 2.19 6.65 1.58
C LYS A 11 1.57 7.68 0.63
N CYS A 12 2.36 8.70 0.30
CA CYS A 12 1.89 9.75 -0.60
C CYS A 12 1.81 9.24 -2.03
N PRO A 13 0.58 9.23 -2.58
CA PRO A 13 0.33 8.76 -3.95
C PRO A 13 0.89 9.72 -5.00
N LYS A 14 1.39 10.86 -4.54
CA LYS A 14 1.96 11.86 -5.43
C LYS A 14 3.47 11.70 -5.55
N CYS A 15 4.12 11.51 -4.40
CA CYS A 15 5.58 11.34 -4.37
C CYS A 15 5.94 9.89 -4.08
N GLY A 16 5.46 9.37 -2.95
CA GLY A 16 5.74 8.01 -2.57
C GLY A 16 6.45 7.92 -1.22
N LEU A 17 6.22 8.92 -0.37
CA LEU A 17 6.83 8.94 0.96
C LEU A 17 5.93 8.26 1.98
N TYR A 18 6.54 7.39 2.79
CA TYR A 18 5.79 6.67 3.82
C TYR A 18 5.67 7.50 5.09
N THR A 19 4.53 7.39 5.76
CA THR A 19 4.28 8.14 6.98
C THR A 19 2.95 7.74 7.61
N LEU A 20 2.67 8.28 8.78
CA LEU A 20 1.42 8.00 9.49
C LEU A 20 0.69 9.29 9.86
N LYS A 21 1.20 10.41 9.36
CA LYS A 21 0.60 11.71 9.64
C LYS A 21 -0.55 11.99 8.68
N GLU A 22 -0.81 11.04 7.78
CA GLU A 22 -1.88 11.18 6.81
C GLU A 22 -1.62 12.38 5.88
N ILE A 23 -0.41 12.92 5.95
CA ILE A 23 -0.04 14.07 5.12
C ILE A 23 1.43 13.97 4.70
N CYS A 24 1.71 14.43 3.49
CA CYS A 24 3.07 14.40 2.96
C CYS A 24 3.82 15.68 3.30
N PRO A 25 4.82 15.58 4.20
CA PRO A 25 5.62 16.72 4.63
C PRO A 25 6.53 17.24 3.52
N LYS A 26 6.57 16.52 2.40
CA LYS A 26 7.39 16.92 1.27
C LYS A 26 6.69 17.96 0.42
N CYS A 27 5.54 17.59 -0.13
CA CYS A 27 4.76 18.50 -0.96
C CYS A 27 3.59 19.11 -0.18
N GLY A 28 3.02 18.32 0.71
CA GLY A 28 1.90 18.79 1.51
C GLY A 28 0.57 18.21 1.07
N GLU A 29 0.62 17.01 0.50
CA GLU A 29 -0.59 16.34 0.03
C GLU A 29 -0.92 15.13 0.91
N LYS A 30 -2.20 14.97 1.22
CA LYS A 30 -2.65 13.85 2.05
C LYS A 30 -2.10 12.53 1.52
N THR A 31 -1.75 11.63 2.44
CA THR A 31 -1.21 10.32 2.07
C THR A 31 -2.32 9.28 1.96
N VAL A 32 -2.05 8.20 1.23
CA VAL A 32 -3.01 7.14 1.05
C VAL A 32 -2.37 5.77 1.22
N ILE A 33 -3.18 4.78 1.59
CA ILE A 33 -2.68 3.42 1.78
C ILE A 33 -2.16 2.83 0.47
N PRO A 34 -0.84 2.60 0.41
CA PRO A 34 -0.19 2.04 -0.77
C PRO A 34 -0.55 0.58 -0.99
N LYS A 35 0.13 -0.06 -1.95
CA LYS A 35 -0.12 -1.46 -2.25
C LYS A 35 1.10 -2.32 -1.93
N PRO A 36 1.30 -2.58 -0.63
CA PRO A 36 2.43 -3.39 -0.15
C PRO A 36 2.28 -4.85 -0.53
N PRO A 37 3.37 -5.62 -0.37
CA PRO A 37 3.40 -7.05 -0.68
C PRO A 37 2.55 -7.88 0.29
N LYS A 38 1.64 -8.67 -0.25
CA LYS A 38 0.77 -9.50 0.57
C LYS A 38 0.33 -10.74 -0.20
N PHE A 39 0.14 -11.85 0.52
CA PHE A 39 -0.28 -13.10 -0.10
C PHE A 39 -1.56 -12.89 -0.92
N SER A 40 -1.40 -12.86 -2.24
CA SER A 40 -2.54 -12.66 -3.13
C SER A 40 -3.22 -14.00 -3.44
N LEU A 41 -4.40 -13.93 -4.05
CA LEU A 41 -5.16 -15.12 -4.40
C LEU A 41 -4.47 -15.88 -5.53
N GLU A 42 -3.81 -15.14 -6.42
CA GLU A 42 -3.11 -15.75 -7.55
C GLU A 42 -2.00 -14.83 -8.05
N ASP A 43 -0.77 -15.34 -8.02
CA ASP A 43 0.38 -14.57 -8.47
C ASP A 43 0.85 -15.05 -9.84
N ARG A 44 1.31 -14.11 -10.66
CA ARG A 44 1.77 -14.44 -12.00
C ARG A 44 3.03 -15.33 -11.93
N TRP A 45 4.10 -14.78 -11.40
CA TRP A 45 5.36 -15.51 -11.27
C TRP A 45 5.53 -16.08 -9.87
N GLY A 46 4.85 -15.45 -8.91
CA GLY A 46 4.95 -15.91 -7.52
C GLY A 46 6.32 -15.69 -6.93
N LYS A 47 7.21 -16.66 -7.13
CA LYS A 47 8.57 -16.56 -6.61
C LYS A 47 9.22 -15.24 -7.01
N TYR A 48 8.84 -14.74 -8.17
CA TYR A 48 9.39 -13.49 -8.68
C TYR A 48 8.75 -12.29 -7.98
N ARG A 49 7.47 -12.43 -7.64
CA ARG A 49 6.73 -11.37 -6.97
C ARG A 49 7.41 -10.98 -5.65
N ARG A 50 8.05 -11.97 -5.02
CA ARG A 50 8.73 -11.73 -3.75
C ARG A 50 9.77 -10.63 -3.89
N MET A 51 10.38 -10.53 -5.07
CA MET A 51 11.39 -9.52 -5.32
C MET A 51 10.79 -8.32 -6.02
N LEU A 52 9.73 -8.55 -6.79
CA LEU A 52 9.06 -7.48 -7.52
C LEU A 52 8.70 -6.33 -6.59
N LYS A 53 7.82 -6.61 -5.62
CA LYS A 53 7.39 -5.60 -4.66
C LYS A 53 8.44 -5.40 -3.58
N ARG A 54 9.02 -4.21 -3.53
CA ARG A 54 10.04 -3.89 -2.54
C ARG A 54 9.41 -3.23 -1.31
N ALA A 55 9.63 -3.84 -0.15
CA ALA A 55 9.10 -3.30 1.10
C ALA A 55 10.13 -2.45 1.83
N LEU A 56 11.39 -2.85 1.74
CA LEU A 56 12.48 -2.12 2.39
C LEU A 56 12.65 -0.74 1.76
N LYS A 57 12.77 0.27 2.61
CA LYS A 57 12.95 1.64 2.15
C LYS A 57 13.35 2.56 3.30
N ASN A 58 14.05 3.64 2.97
CA ASN A 58 14.50 4.60 3.98
C ASN A 58 13.64 5.86 3.95
N LYS A 59 13.81 6.71 4.96
CA LYS A 59 13.05 7.95 5.05
C LYS A 59 13.94 9.16 4.78
N ASN A 60 13.69 9.82 3.66
CA ASN A 60 14.47 11.00 3.27
C ASN A 60 14.28 12.13 4.28
N LYS A 61 15.38 12.60 4.85
CA LYS A 61 15.33 13.68 5.82
C LYS A 61 16.01 14.93 5.28
N ALA A 62 15.31 16.06 5.34
CA ALA A 62 15.86 17.32 4.86
C ALA A 62 15.08 18.50 5.43
N GLU A 63 15.69 19.68 5.37
CA GLU A 63 15.06 20.90 5.88
C GLU A 63 13.93 21.35 4.95
N GLY A 1 20.97 -6.32 4.19
CA GLY A 1 19.89 -6.00 3.26
C GLY A 1 19.37 -4.60 3.44
N SER A 2 18.04 -4.46 3.53
CA SER A 2 17.42 -3.16 3.70
C SER A 2 17.21 -2.85 5.17
N HIS A 3 16.89 -3.88 5.95
CA HIS A 3 16.66 -3.72 7.39
C HIS A 3 15.56 -2.69 7.64
N MET A 4 14.51 -2.75 6.84
CA MET A 4 13.39 -1.81 6.99
C MET A 4 12.33 -2.39 7.92
N VAL A 5 11.49 -1.51 8.46
CA VAL A 5 10.43 -1.93 9.37
C VAL A 5 9.09 -2.06 8.63
N GLU A 6 8.29 -3.04 9.03
CA GLU A 6 6.99 -3.27 8.41
C GLU A 6 5.87 -3.00 9.40
N MET A 7 5.19 -1.87 9.21
CA MET A 7 4.08 -1.49 10.09
C MET A 7 3.00 -0.76 9.31
N ARG A 8 1.78 -0.79 9.82
CA ARG A 8 0.65 -0.12 9.18
C ARG A 8 0.92 1.37 9.02
N MET A 9 0.66 1.89 7.82
CA MET A 9 0.87 3.31 7.54
C MET A 9 0.36 3.67 6.14
N LYS A 10 0.57 4.91 5.75
CA LYS A 10 0.13 5.39 4.44
C LYS A 10 1.29 6.00 3.66
N LYS A 11 1.11 6.15 2.36
CA LYS A 11 2.15 6.72 1.50
C LYS A 11 1.55 7.75 0.55
N CYS A 12 2.34 8.77 0.22
CA CYS A 12 1.88 9.83 -0.67
C CYS A 12 1.80 9.32 -2.11
N PRO A 13 0.58 9.34 -2.67
CA PRO A 13 0.33 8.87 -4.04
C PRO A 13 0.93 9.81 -5.09
N LYS A 14 1.45 10.94 -4.62
CA LYS A 14 2.06 11.92 -5.51
C LYS A 14 3.57 11.75 -5.59
N CYS A 15 4.19 11.52 -4.43
CA CYS A 15 5.63 11.33 -4.37
C CYS A 15 5.98 9.87 -4.07
N GLY A 16 5.46 9.36 -2.96
CA GLY A 16 5.72 7.99 -2.58
C GLY A 16 6.39 7.87 -1.23
N LEU A 17 6.24 8.91 -0.41
CA LEU A 17 6.84 8.92 0.92
C LEU A 17 5.90 8.28 1.94
N TYR A 18 6.45 7.41 2.78
CA TYR A 18 5.66 6.73 3.80
C TYR A 18 5.60 7.55 5.08
N THR A 19 4.49 7.44 5.79
CA THR A 19 4.30 8.18 7.04
C THR A 19 2.99 7.79 7.71
N LEU A 20 2.75 8.34 8.90
CA LEU A 20 1.54 8.05 9.65
C LEU A 20 0.77 9.32 9.96
N LYS A 21 1.28 10.45 9.49
CA LYS A 21 0.65 11.74 9.71
C LYS A 21 -0.50 11.95 8.72
N GLU A 22 -0.72 10.98 7.84
CA GLU A 22 -1.78 11.06 6.86
C GLU A 22 -1.55 12.23 5.90
N ILE A 23 -0.36 12.82 5.98
CA ILE A 23 -0.01 13.95 5.12
C ILE A 23 1.45 13.88 4.70
N CYS A 24 1.73 14.33 3.48
CA CYS A 24 3.10 14.33 2.96
C CYS A 24 3.82 15.63 3.32
N PRO A 25 4.83 15.51 4.21
CA PRO A 25 5.61 16.66 4.66
C PRO A 25 6.52 17.21 3.56
N LYS A 26 6.57 16.50 2.44
CA LYS A 26 7.41 16.92 1.31
C LYS A 26 6.69 17.98 0.48
N CYS A 27 5.53 17.63 -0.06
CA CYS A 27 4.75 18.57 -0.87
C CYS A 27 3.57 19.12 -0.08
N GLY A 28 2.97 18.28 0.76
CA GLY A 28 1.85 18.71 1.56
C GLY A 28 0.54 18.10 1.09
N GLU A 29 0.62 16.92 0.49
CA GLU A 29 -0.57 16.24 -0.02
C GLU A 29 -0.92 15.03 0.85
N LYS A 30 -2.19 14.88 1.15
CA LYS A 30 -2.66 13.77 1.97
C LYS A 30 -2.14 12.44 1.43
N THR A 31 -1.73 11.56 2.34
CA THR A 31 -1.21 10.25 1.97
C THR A 31 -2.32 9.20 1.92
N VAL A 32 -2.08 8.14 1.15
CA VAL A 32 -3.06 7.07 1.00
C VAL A 32 -2.42 5.71 1.22
N ILE A 33 -3.23 4.74 1.67
CA ILE A 33 -2.74 3.39 1.91
C ILE A 33 -2.19 2.77 0.63
N PRO A 34 -0.86 2.56 0.60
CA PRO A 34 -0.19 1.95 -0.56
C PRO A 34 -0.53 0.48 -0.73
N LYS A 35 0.17 -0.17 -1.65
CA LYS A 35 -0.06 -1.60 -1.90
C LYS A 35 1.16 -2.42 -1.51
N PRO A 36 1.33 -2.63 -0.20
CA PRO A 36 2.45 -3.41 0.34
C PRO A 36 2.32 -4.90 0.03
N PRO A 37 3.42 -5.64 0.26
CA PRO A 37 3.46 -7.08 0.01
C PRO A 37 2.60 -7.87 0.99
N LYS A 38 2.55 -9.18 0.82
CA LYS A 38 1.77 -10.05 1.68
C LYS A 38 2.59 -10.52 2.88
N PHE A 39 3.90 -10.63 2.67
CA PHE A 39 4.81 -11.07 3.73
C PHE A 39 4.63 -10.23 4.99
N SER A 40 4.07 -10.85 6.03
CA SER A 40 3.84 -10.15 7.29
C SER A 40 3.83 -11.14 8.45
N LEU A 41 4.12 -10.64 9.64
CA LEU A 41 4.14 -11.47 10.84
C LEU A 41 2.72 -11.90 11.24
N GLU A 42 1.75 -11.07 10.89
CA GLU A 42 0.35 -11.36 11.19
C GLU A 42 -0.53 -11.22 9.96
N ASP A 43 -1.13 -12.33 9.54
CA ASP A 43 -2.00 -12.33 8.37
C ASP A 43 -3.20 -13.23 8.58
N ARG A 44 -4.39 -12.70 8.36
CA ARG A 44 -5.62 -13.45 8.53
C ARG A 44 -5.65 -14.66 7.61
N TRP A 45 -5.06 -14.51 6.42
CA TRP A 45 -5.01 -15.59 5.45
C TRP A 45 -3.71 -16.37 5.57
N GLY A 46 -3.04 -16.26 6.71
CA GLY A 46 -1.79 -16.96 6.92
C GLY A 46 -1.90 -18.44 6.63
N LYS A 47 -3.09 -19.00 6.81
CA LYS A 47 -3.32 -20.41 6.55
C LYS A 47 -3.71 -20.65 5.10
N TYR A 48 -4.29 -19.63 4.47
CA TYR A 48 -4.70 -19.72 3.08
C TYR A 48 -3.56 -20.19 2.19
N ARG A 49 -2.34 -19.88 2.60
CA ARG A 49 -1.16 -20.28 1.85
C ARG A 49 -1.17 -21.78 1.55
N ARG A 50 -1.73 -22.55 2.48
CA ARG A 50 -1.81 -24.00 2.32
C ARG A 50 -2.57 -24.37 1.05
N MET A 51 -3.54 -23.53 0.69
CA MET A 51 -4.35 -23.76 -0.50
C MET A 51 -3.82 -22.96 -1.68
N LEU A 52 -3.15 -21.84 -1.38
CA LEU A 52 -2.61 -20.99 -2.42
C LEU A 52 -1.74 -21.79 -3.40
N LYS A 53 -1.12 -22.85 -2.88
CA LYS A 53 -0.27 -23.69 -3.71
C LYS A 53 -1.10 -24.67 -4.52
N ARG A 54 -0.46 -25.34 -5.48
CA ARG A 54 -1.14 -26.30 -6.34
C ARG A 54 -2.40 -25.69 -6.94
N ALA A 55 -2.35 -24.39 -7.20
CA ALA A 55 -3.48 -23.68 -7.78
C ALA A 55 -3.46 -23.76 -9.30
N LEU A 56 -2.27 -23.92 -9.86
CA LEU A 56 -2.10 -24.01 -11.31
C LEU A 56 -1.21 -25.19 -11.69
N LYS A 57 -1.22 -25.54 -12.97
CA LYS A 57 -0.42 -26.66 -13.46
C LYS A 57 0.95 -26.18 -13.92
N ASN A 58 1.77 -27.11 -14.40
CA ASN A 58 3.11 -26.78 -14.87
C ASN A 58 3.05 -25.78 -16.01
N LYS A 59 3.54 -24.57 -15.76
CA LYS A 59 3.55 -23.51 -16.76
C LYS A 59 4.93 -23.37 -17.40
N ASN A 60 4.94 -23.11 -18.70
CA ASN A 60 6.20 -22.96 -19.43
C ASN A 60 7.01 -21.78 -18.86
N LYS A 61 8.28 -22.05 -18.56
CA LYS A 61 9.17 -21.03 -18.02
C LYS A 61 10.33 -20.76 -18.97
N ALA A 62 10.70 -19.49 -19.10
CA ALA A 62 11.80 -19.10 -19.97
C ALA A 62 13.14 -19.22 -19.25
N GLU A 63 14.10 -19.85 -19.91
CA GLU A 63 15.43 -20.04 -19.33
C GLU A 63 16.44 -20.47 -20.40
N GLY A 1 14.92 -3.24 5.93
CA GLY A 1 13.95 -3.99 6.71
C GLY A 1 12.97 -3.09 7.45
N SER A 2 12.86 -1.85 6.99
CA SER A 2 11.96 -0.89 7.62
C SER A 2 10.92 -0.39 6.61
N HIS A 3 10.59 -1.22 5.64
CA HIS A 3 9.61 -0.87 4.62
C HIS A 3 8.50 -1.90 4.56
N MET A 4 8.87 -3.18 4.62
CA MET A 4 7.90 -4.26 4.56
C MET A 4 6.97 -4.21 5.77
N VAL A 5 7.46 -3.68 6.88
CA VAL A 5 6.68 -3.57 8.09
C VAL A 5 5.97 -2.22 8.18
N GLU A 6 5.21 -2.01 9.26
CA GLU A 6 4.49 -0.77 9.46
C GLU A 6 3.49 -0.53 8.32
N MET A 7 3.01 -1.62 7.74
CA MET A 7 2.05 -1.53 6.64
C MET A 7 0.82 -0.73 7.06
N ARG A 8 0.55 -0.70 8.36
CA ARG A 8 -0.60 0.04 8.89
C ARG A 8 -0.53 1.50 8.48
N MET A 9 0.67 1.99 8.21
CA MET A 9 0.86 3.38 7.81
C MET A 9 0.37 3.61 6.39
N LYS A 10 0.65 4.80 5.85
CA LYS A 10 0.24 5.13 4.49
C LYS A 10 1.40 5.74 3.71
N LYS A 11 1.14 6.07 2.45
CA LYS A 11 2.17 6.66 1.59
C LYS A 11 1.56 7.69 0.64
N CYS A 12 2.35 8.70 0.30
CA CYS A 12 1.87 9.76 -0.60
C CYS A 12 1.78 9.25 -2.03
N PRO A 13 0.55 9.24 -2.57
CA PRO A 13 0.30 8.78 -3.94
C PRO A 13 0.86 9.73 -4.99
N LYS A 14 1.37 10.86 -4.53
CA LYS A 14 1.94 11.86 -5.44
C LYS A 14 3.46 11.69 -5.56
N CYS A 15 4.12 11.51 -4.42
CA CYS A 15 5.56 11.32 -4.40
C CYS A 15 5.93 9.87 -4.10
N GLY A 16 5.44 9.36 -2.98
CA GLY A 16 5.71 7.99 -2.59
C GLY A 16 6.43 7.90 -1.26
N LEU A 17 6.19 8.87 -0.39
CA LEU A 17 6.81 8.89 0.92
C LEU A 17 5.92 8.24 1.97
N TYR A 18 6.50 7.37 2.79
CA TYR A 18 5.76 6.67 3.83
C TYR A 18 5.66 7.52 5.09
N THR A 19 4.53 7.43 5.77
CA THR A 19 4.31 8.20 6.99
C THR A 19 2.98 7.80 7.65
N LEU A 20 2.73 8.37 8.83
CA LEU A 20 1.50 8.08 9.56
C LEU A 20 0.76 9.37 9.90
N LYS A 21 1.30 10.50 9.44
CA LYS A 21 0.69 11.80 9.69
C LYS A 21 -0.49 12.04 8.75
N GLU A 22 -0.74 11.07 7.86
CA GLU A 22 -1.83 11.19 6.91
C GLU A 22 -1.58 12.33 5.92
N ILE A 23 -0.39 12.91 5.99
CA ILE A 23 -0.04 14.02 5.12
C ILE A 23 1.44 13.94 4.70
N CYS A 24 1.72 14.36 3.47
CA CYS A 24 3.08 14.34 2.96
C CYS A 24 3.84 15.61 3.33
N PRO A 25 4.84 15.48 4.22
CA PRO A 25 5.64 16.60 4.68
C PRO A 25 6.55 17.15 3.58
N LYS A 26 6.58 16.47 2.44
CA LYS A 26 7.40 16.89 1.32
C LYS A 26 6.68 17.95 0.48
N CYS A 27 5.54 17.57 -0.09
CA CYS A 27 4.76 18.48 -0.91
C CYS A 27 3.60 19.07 -0.11
N GLY A 28 3.02 18.26 0.76
CA GLY A 28 1.90 18.72 1.57
C GLY A 28 0.58 18.15 1.10
N GLU A 29 0.61 16.97 0.51
CA GLU A 29 -0.60 16.32 0.02
C GLU A 29 -0.97 15.11 0.87
N LYS A 30 -2.26 14.95 1.13
CA LYS A 30 -2.73 13.82 1.94
C LYS A 30 -2.18 12.51 1.43
N THR A 31 -1.82 11.62 2.35
CA THR A 31 -1.28 10.32 1.99
C THR A 31 -2.37 9.27 1.90
N VAL A 32 -2.10 8.19 1.18
CA VAL A 32 -3.06 7.11 1.02
C VAL A 32 -2.40 5.75 1.17
N ILE A 33 -3.21 4.72 1.45
CA ILE A 33 -2.70 3.37 1.62
C ILE A 33 -2.10 2.84 0.33
N PRO A 34 -0.77 2.63 0.33
CA PRO A 34 -0.04 2.12 -0.84
C PRO A 34 -0.37 0.66 -1.13
N LYS A 35 -1.07 0.02 -0.20
CA LYS A 35 -1.45 -1.38 -0.36
C LYS A 35 -2.96 -1.52 -0.50
N PRO A 36 -3.48 -1.18 -1.69
CA PRO A 36 -4.92 -1.26 -1.98
C PRO A 36 -5.41 -2.70 -2.07
N PRO A 37 -6.74 -2.88 -2.08
CA PRO A 37 -7.36 -4.19 -2.17
C PRO A 37 -7.17 -4.84 -3.53
N LYS A 38 -7.84 -5.97 -3.75
CA LYS A 38 -7.75 -6.68 -5.02
C LYS A 38 -8.52 -5.95 -6.11
N PHE A 39 -8.41 -6.46 -7.33
CA PHE A 39 -9.10 -5.85 -8.48
C PHE A 39 -8.77 -4.37 -8.58
N SER A 40 -7.49 -4.04 -8.41
CA SER A 40 -7.05 -2.65 -8.49
C SER A 40 -6.62 -2.30 -9.91
N LEU A 41 -6.78 -1.04 -10.28
CA LEU A 41 -6.41 -0.56 -11.61
C LEU A 41 -4.90 -0.52 -11.77
N GLU A 42 -4.20 -0.34 -10.66
CA GLU A 42 -2.73 -0.28 -10.67
C GLU A 42 -2.15 -1.54 -11.30
N ASP A 43 -2.89 -2.64 -11.22
CA ASP A 43 -2.45 -3.90 -11.77
C ASP A 43 -2.02 -3.74 -13.23
N ARG A 44 -0.90 -4.35 -13.59
CA ARG A 44 -0.38 -4.27 -14.95
C ARG A 44 -1.37 -4.85 -15.95
N TRP A 45 -1.58 -6.16 -15.87
CA TRP A 45 -2.51 -6.84 -16.77
C TRP A 45 -3.89 -6.96 -16.13
N GLY A 46 -3.94 -6.91 -14.81
CA GLY A 46 -5.21 -7.01 -14.11
C GLY A 46 -5.86 -8.37 -14.26
N LYS A 47 -6.67 -8.52 -15.30
CA LYS A 47 -7.34 -9.78 -15.56
C LYS A 47 -6.36 -10.94 -15.56
N TYR A 48 -5.14 -10.67 -16.00
CA TYR A 48 -4.10 -11.69 -16.06
C TYR A 48 -3.40 -11.84 -14.70
N ARG A 49 -3.30 -10.73 -13.97
CA ARG A 49 -2.67 -10.73 -12.67
C ARG A 49 -3.39 -11.68 -11.70
N ARG A 50 -4.67 -11.88 -11.96
CA ARG A 50 -5.48 -12.76 -11.12
C ARG A 50 -4.81 -14.13 -10.95
N MET A 51 -4.21 -14.62 -12.03
CA MET A 51 -3.54 -15.91 -12.00
C MET A 51 -2.03 -15.73 -11.90
N LEU A 52 -1.53 -14.65 -12.49
CA LEU A 52 -0.10 -14.36 -12.46
C LEU A 52 0.40 -14.20 -11.02
N LYS A 53 -0.50 -13.80 -10.13
CA LYS A 53 -0.15 -13.61 -8.73
C LYS A 53 0.39 -14.91 -8.13
N ARG A 54 1.03 -14.78 -6.97
CA ARG A 54 1.60 -15.95 -6.29
C ARG A 54 1.13 -16.00 -4.83
N ALA A 55 0.62 -17.16 -4.43
CA ALA A 55 0.13 -17.35 -3.07
C ALA A 55 1.04 -18.29 -2.29
N LEU A 56 1.66 -19.23 -2.99
CA LEU A 56 2.55 -20.20 -2.37
C LEU A 56 3.67 -19.49 -1.60
N LYS A 57 3.75 -19.77 -0.30
CA LYS A 57 4.77 -19.16 0.55
C LYS A 57 5.74 -20.21 1.07
N ASN A 58 7.04 -19.96 0.90
CA ASN A 58 8.06 -20.89 1.34
C ASN A 58 8.20 -20.84 2.87
N LYS A 59 8.90 -21.84 3.42
CA LYS A 59 9.11 -21.92 4.86
C LYS A 59 9.79 -20.66 5.38
N ASN A 60 9.93 -20.56 6.70
CA ASN A 60 10.56 -19.42 7.33
C ASN A 60 12.06 -19.39 7.01
N LYS A 61 12.50 -18.31 6.37
CA LYS A 61 13.90 -18.15 6.00
C LYS A 61 14.61 -17.18 6.95
N ALA A 62 15.51 -17.71 7.76
CA ALA A 62 16.25 -16.90 8.72
C ALA A 62 17.29 -16.03 8.00
N GLU A 63 18.10 -16.66 7.15
CA GLU A 63 19.14 -15.95 6.42
C GLU A 63 20.08 -15.22 7.37
N GLY A 1 11.63 10.16 11.50
CA GLY A 1 12.61 9.62 12.43
C GLY A 1 13.05 8.21 12.05
N SER A 2 14.36 7.98 12.07
CA SER A 2 14.91 6.67 11.73
C SER A 2 14.46 5.62 12.72
N HIS A 3 13.96 4.50 12.20
CA HIS A 3 13.49 3.40 13.05
C HIS A 3 13.87 2.06 12.45
N MET A 4 13.93 1.03 13.29
CA MET A 4 14.30 -0.31 12.85
C MET A 4 13.11 -1.26 12.98
N VAL A 5 11.90 -0.72 12.84
CA VAL A 5 10.68 -1.51 12.95
C VAL A 5 9.65 -1.09 11.91
N GLU A 6 8.96 -2.08 11.34
CA GLU A 6 7.94 -1.80 10.33
C GLU A 6 6.54 -2.02 10.90
N MET A 7 5.61 -1.15 10.50
CA MET A 7 4.24 -1.24 10.97
C MET A 7 3.28 -0.62 9.96
N ARG A 8 1.99 -0.87 10.15
CA ARG A 8 0.97 -0.32 9.26
C ARG A 8 1.12 1.19 9.11
N MET A 9 0.84 1.68 7.90
CA MET A 9 0.95 3.11 7.62
C MET A 9 0.45 3.43 6.22
N LYS A 10 0.70 4.65 5.78
CA LYS A 10 0.27 5.08 4.44
C LYS A 10 1.43 5.71 3.68
N LYS A 11 1.19 6.05 2.41
CA LYS A 11 2.20 6.66 1.57
C LYS A 11 1.59 7.69 0.63
N CYS A 12 2.37 8.71 0.29
CA CYS A 12 1.90 9.76 -0.60
C CYS A 12 1.80 9.25 -2.04
N PRO A 13 0.57 9.24 -2.58
CA PRO A 13 0.32 8.78 -3.95
C PRO A 13 0.87 9.73 -5.00
N LYS A 14 1.39 10.86 -4.54
CA LYS A 14 1.96 11.86 -5.44
C LYS A 14 3.47 11.69 -5.56
N CYS A 15 4.12 11.49 -4.42
CA CYS A 15 5.58 11.32 -4.39
C CYS A 15 5.94 9.87 -4.08
N GLY A 16 5.45 9.36 -2.96
CA GLY A 16 5.73 7.99 -2.57
C GLY A 16 6.45 7.91 -1.24
N LEU A 17 6.17 8.86 -0.35
CA LEU A 17 6.79 8.89 0.97
C LEU A 17 5.87 8.26 2.02
N TYR A 18 6.43 7.32 2.79
CA TYR A 18 5.66 6.64 3.82
C TYR A 18 5.57 7.48 5.08
N THR A 19 4.46 7.38 5.79
CA THR A 19 4.24 8.14 7.01
C THR A 19 2.93 7.74 7.68
N LEU A 20 2.63 8.38 8.80
CA LEU A 20 1.40 8.09 9.55
C LEU A 20 0.66 9.38 9.89
N LYS A 21 1.20 10.50 9.43
CA LYS A 21 0.59 11.80 9.67
C LYS A 21 -0.57 12.06 8.70
N GLU A 22 -0.80 11.11 7.81
CA GLU A 22 -1.88 11.23 6.82
C GLU A 22 -1.61 12.41 5.88
N ILE A 23 -0.40 12.96 5.97
CA ILE A 23 -0.04 14.09 5.12
C ILE A 23 1.43 14.00 4.70
N CYS A 24 1.72 14.43 3.48
CA CYS A 24 3.08 14.41 2.96
C CYS A 24 3.83 15.69 3.31
N PRO A 25 4.83 15.57 4.20
CA PRO A 25 5.64 16.70 4.65
C PRO A 25 6.54 17.24 3.54
N LYS A 26 6.58 16.53 2.41
CA LYS A 26 7.40 16.94 1.28
C LYS A 26 6.68 17.99 0.42
N CYS A 27 5.54 17.60 -0.13
CA CYS A 27 4.76 18.50 -0.96
C CYS A 27 3.59 19.11 -0.18
N GLY A 28 3.01 18.31 0.70
CA GLY A 28 1.90 18.78 1.51
C GLY A 28 0.57 18.19 1.07
N GLU A 29 0.63 16.99 0.50
CA GLU A 29 -0.58 16.31 0.03
C GLU A 29 -0.91 15.11 0.90
N LYS A 30 -2.19 14.95 1.22
CA LYS A 30 -2.64 13.84 2.05
C LYS A 30 -2.09 12.51 1.53
N THR A 31 -1.73 11.62 2.46
CA THR A 31 -1.19 10.31 2.09
C THR A 31 -2.30 9.27 1.98
N VAL A 32 -2.03 8.19 1.24
CA VAL A 32 -3.01 7.13 1.06
C VAL A 32 -2.35 5.76 1.22
N ILE A 33 -3.16 4.77 1.60
CA ILE A 33 -2.66 3.41 1.79
C ILE A 33 -2.15 2.83 0.47
N PRO A 34 -0.83 2.61 0.41
CA PRO A 34 -0.18 2.05 -0.79
C PRO A 34 -0.55 0.59 -1.01
N LYS A 35 -1.32 0.33 -2.06
CA LYS A 35 -1.74 -1.04 -2.38
C LYS A 35 -1.19 -1.47 -3.73
N PRO A 36 0.12 -1.79 -3.76
CA PRO A 36 0.80 -2.23 -4.98
C PRO A 36 0.34 -3.61 -5.44
N PRO A 37 0.72 -3.98 -6.67
CA PRO A 37 0.36 -5.28 -7.25
C PRO A 37 1.08 -6.44 -6.58
N LYS A 38 0.78 -7.65 -7.02
CA LYS A 38 1.42 -8.85 -6.46
C LYS A 38 2.92 -8.79 -6.62
N PHE A 39 3.39 -8.01 -7.59
CA PHE A 39 4.81 -7.87 -7.84
C PHE A 39 5.40 -6.70 -7.06
N SER A 40 6.03 -7.02 -5.93
CA SER A 40 6.63 -5.99 -5.08
C SER A 40 7.98 -6.47 -4.53
N LEU A 41 8.70 -5.55 -3.89
CA LEU A 41 10.00 -5.87 -3.32
C LEU A 41 9.87 -6.41 -1.90
N GLU A 42 8.77 -6.03 -1.24
CA GLU A 42 8.52 -6.48 0.13
C GLU A 42 8.41 -8.01 0.19
N ASP A 43 7.86 -8.59 -0.88
CA ASP A 43 7.70 -10.04 -0.94
C ASP A 43 8.72 -10.66 -1.88
N ARG A 44 9.44 -11.66 -1.37
CA ARG A 44 10.46 -12.35 -2.16
C ARG A 44 9.82 -13.25 -3.22
N TRP A 45 8.94 -14.13 -2.78
CA TRP A 45 8.27 -15.06 -3.67
C TRP A 45 7.03 -14.41 -4.30
N GLY A 46 6.55 -13.34 -3.66
CA GLY A 46 5.37 -12.64 -4.17
C GLY A 46 4.11 -13.46 -4.02
N LYS A 47 3.85 -14.35 -4.97
CA LYS A 47 2.67 -15.19 -4.95
C LYS A 47 2.57 -15.95 -3.63
N TYR A 48 3.72 -16.27 -3.06
CA TYR A 48 3.78 -17.01 -1.80
C TYR A 48 3.08 -16.22 -0.69
N ARG A 49 3.06 -14.90 -0.82
CA ARG A 49 2.43 -14.03 0.16
C ARG A 49 1.00 -14.49 0.45
N ARG A 50 0.34 -15.02 -0.57
CA ARG A 50 -1.03 -15.49 -0.43
C ARG A 50 -1.13 -16.58 0.63
N MET A 51 -0.08 -17.39 0.74
CA MET A 51 -0.05 -18.47 1.72
C MET A 51 0.84 -18.11 2.90
N LEU A 52 1.00 -16.81 3.15
CA LEU A 52 1.82 -16.33 4.25
C LEU A 52 0.99 -16.13 5.51
N LYS A 53 -0.29 -15.82 5.33
CA LYS A 53 -1.19 -15.61 6.45
C LYS A 53 -1.44 -16.91 7.20
N ARG A 54 -1.03 -18.03 6.61
CA ARG A 54 -1.20 -19.34 7.22
C ARG A 54 0.15 -20.04 7.38
N ALA A 55 0.48 -20.41 8.60
CA ALA A 55 1.74 -21.08 8.89
C ALA A 55 1.50 -22.53 9.29
N LEU A 56 0.32 -22.80 9.85
CA LEU A 56 -0.03 -24.15 10.28
C LEU A 56 -0.36 -25.03 9.09
N LYS A 57 0.33 -26.17 8.98
CA LYS A 57 0.12 -27.11 7.89
C LYS A 57 -1.14 -27.94 8.13
N ASN A 58 -2.19 -27.67 7.35
CA ASN A 58 -3.44 -28.39 7.48
C ASN A 58 -3.27 -29.85 7.07
N LYS A 59 -3.98 -30.75 7.77
CA LYS A 59 -3.91 -32.17 7.49
C LYS A 59 -5.26 -32.70 7.03
N ASN A 60 -6.08 -31.83 6.46
CA ASN A 60 -7.40 -32.21 5.99
C ASN A 60 -7.55 -31.91 4.50
N LYS A 61 -6.96 -30.81 4.05
CA LYS A 61 -7.03 -30.41 2.65
C LYS A 61 -8.47 -30.25 2.19
N ALA A 62 -9.29 -29.63 3.05
CA ALA A 62 -10.69 -29.41 2.72
C ALA A 62 -10.84 -28.61 1.44
N GLU A 63 -9.83 -27.80 1.12
CA GLU A 63 -9.85 -26.97 -0.07
C GLU A 63 -8.71 -27.34 -1.01
N GLY A 1 2.52 -13.85 19.22
CA GLY A 1 2.08 -12.58 18.69
C GLY A 1 0.58 -12.51 18.48
N SER A 2 0.16 -12.06 17.30
CA SER A 2 -1.25 -11.96 16.99
C SER A 2 -1.50 -12.27 15.51
N HIS A 3 -2.75 -12.58 15.19
CA HIS A 3 -3.13 -12.90 13.82
C HIS A 3 -2.93 -11.70 12.90
N MET A 4 -3.16 -10.51 13.43
CA MET A 4 -3.00 -9.27 12.67
C MET A 4 -1.54 -8.82 12.67
N VAL A 5 -1.24 -7.80 11.86
CA VAL A 5 0.11 -7.27 11.78
C VAL A 5 0.32 -6.15 12.79
N GLU A 6 1.58 -5.90 13.14
CA GLU A 6 1.91 -4.86 14.10
C GLU A 6 2.32 -3.57 13.38
N MET A 7 2.85 -3.71 12.18
CA MET A 7 3.28 -2.56 11.39
C MET A 7 2.19 -2.16 10.40
N ARG A 8 2.04 -0.85 10.18
CA ARG A 8 1.05 -0.34 9.26
C ARG A 8 1.18 1.18 9.10
N MET A 9 0.90 1.67 7.90
CA MET A 9 0.99 3.10 7.62
C MET A 9 0.48 3.41 6.21
N LYS A 10 0.72 4.64 5.76
CA LYS A 10 0.28 5.06 4.44
C LYS A 10 1.44 5.69 3.67
N LYS A 11 1.19 6.05 2.41
CA LYS A 11 2.21 6.65 1.57
C LYS A 11 1.59 7.69 0.63
N CYS A 12 2.37 8.71 0.29
CA CYS A 12 1.90 9.76 -0.60
C CYS A 12 1.80 9.25 -2.04
N PRO A 13 0.57 9.24 -2.58
CA PRO A 13 0.32 8.78 -3.95
C PRO A 13 0.87 9.73 -5.00
N LYS A 14 1.38 10.87 -4.54
CA LYS A 14 1.95 11.87 -5.44
C LYS A 14 3.46 11.71 -5.55
N CYS A 15 4.11 11.50 -4.41
CA CYS A 15 5.56 11.32 -4.38
C CYS A 15 5.92 9.88 -4.07
N GLY A 16 5.44 9.37 -2.95
CA GLY A 16 5.73 8.01 -2.56
C GLY A 16 6.45 7.92 -1.23
N LEU A 17 6.16 8.87 -0.34
CA LEU A 17 6.79 8.91 0.97
C LEU A 17 5.87 8.26 2.02
N TYR A 18 6.44 7.34 2.80
CA TYR A 18 5.67 6.64 3.83
C TYR A 18 5.58 7.50 5.10
N THR A 19 4.46 7.38 5.79
CA THR A 19 4.24 8.14 7.02
C THR A 19 2.92 7.75 7.68
N LEU A 20 2.62 8.37 8.81
CA LEU A 20 1.39 8.09 9.54
C LEU A 20 0.65 9.38 9.89
N LYS A 21 1.18 10.50 9.42
CA LYS A 21 0.57 11.80 9.67
C LYS A 21 -0.58 12.07 8.70
N GLU A 22 -0.82 11.11 7.81
CA GLU A 22 -1.89 11.24 6.82
C GLU A 22 -1.62 12.41 5.89
N ILE A 23 -0.42 12.95 5.97
CA ILE A 23 -0.04 14.09 5.12
C ILE A 23 1.42 13.99 4.70
N CYS A 24 1.71 14.44 3.48
CA CYS A 24 3.08 14.41 2.96
C CYS A 24 3.82 15.68 3.30
N PRO A 25 4.82 15.57 4.20
CA PRO A 25 5.63 16.71 4.63
C PRO A 25 6.54 17.24 3.52
N LYS A 26 6.58 16.51 2.40
CA LYS A 26 7.41 16.90 1.28
C LYS A 26 6.70 17.95 0.42
N CYS A 27 5.56 17.58 -0.13
CA CYS A 27 4.78 18.49 -0.97
C CYS A 27 3.62 19.10 -0.19
N GLY A 28 3.04 18.32 0.70
CA GLY A 28 1.92 18.79 1.50
C GLY A 28 0.59 18.21 1.07
N GLU A 29 0.63 17.01 0.50
CA GLU A 29 -0.58 16.34 0.03
C GLU A 29 -0.90 15.13 0.91
N LYS A 30 -2.18 14.97 1.22
CA LYS A 30 -2.63 13.85 2.05
C LYS A 30 -2.08 12.53 1.53
N THR A 31 -1.75 11.62 2.45
CA THR A 31 -1.21 10.32 2.08
C THR A 31 -2.32 9.28 1.97
N VAL A 32 -2.03 8.20 1.25
CA VAL A 32 -3.01 7.12 1.06
C VAL A 32 -2.35 5.75 1.22
N ILE A 33 -3.16 4.77 1.60
CA ILE A 33 -2.66 3.41 1.79
C ILE A 33 -2.15 2.82 0.48
N PRO A 34 -0.83 2.60 0.41
CA PRO A 34 -0.19 2.04 -0.78
C PRO A 34 -0.55 0.57 -1.00
N LYS A 35 -0.45 -0.22 0.06
CA LYS A 35 -0.77 -1.64 0.00
C LYS A 35 -2.21 -1.86 -0.47
N PRO A 36 -2.47 -3.02 -1.08
CA PRO A 36 -3.80 -3.37 -1.58
C PRO A 36 -4.79 -3.64 -0.45
N PRO A 37 -6.08 -3.72 -0.80
CA PRO A 37 -7.15 -3.97 0.17
C PRO A 37 -7.10 -5.40 0.73
N LYS A 38 -8.10 -5.75 1.54
CA LYS A 38 -8.18 -7.08 2.12
C LYS A 38 -9.15 -7.96 1.34
N PHE A 39 -10.09 -7.33 0.63
CA PHE A 39 -11.07 -8.06 -0.15
C PHE A 39 -10.84 -7.82 -1.64
N SER A 40 -10.44 -8.88 -2.35
CA SER A 40 -10.19 -8.79 -3.78
C SER A 40 -9.99 -10.18 -4.38
N LEU A 41 -9.91 -10.24 -5.71
CA LEU A 41 -9.72 -11.50 -6.41
C LEU A 41 -8.25 -11.89 -6.44
N GLU A 42 -7.37 -10.89 -6.39
CA GLU A 42 -5.93 -11.13 -6.41
C GLU A 42 -5.50 -11.94 -5.19
N ASP A 43 -6.31 -11.88 -4.14
CA ASP A 43 -6.01 -12.62 -2.91
C ASP A 43 -5.73 -14.08 -3.21
N ARG A 44 -5.09 -14.76 -2.25
CA ARG A 44 -4.77 -16.18 -2.42
C ARG A 44 -6.00 -16.99 -2.80
N TRP A 45 -6.90 -17.16 -1.84
CA TRP A 45 -8.13 -17.91 -2.09
C TRP A 45 -9.28 -16.98 -2.46
N GLY A 46 -9.17 -15.72 -2.05
CA GLY A 46 -10.20 -14.74 -2.36
C GLY A 46 -11.49 -15.02 -1.61
N LYS A 47 -12.33 -15.88 -2.16
CA LYS A 47 -13.61 -16.23 -1.55
C LYS A 47 -13.40 -16.66 -0.10
N TYR A 48 -12.24 -17.23 0.20
CA TYR A 48 -11.93 -17.68 1.54
C TYR A 48 -12.09 -16.55 2.55
N ARG A 49 -11.92 -15.31 2.07
CA ARG A 49 -12.04 -14.14 2.93
C ARG A 49 -13.37 -14.17 3.69
N ARG A 50 -14.40 -14.72 3.06
CA ARG A 50 -15.72 -14.80 3.68
C ARG A 50 -15.64 -15.55 5.01
N MET A 51 -14.75 -16.53 5.09
CA MET A 51 -14.59 -17.32 6.30
C MET A 51 -13.37 -16.85 7.09
N LEU A 52 -13.00 -15.59 6.89
CA LEU A 52 -11.85 -15.02 7.59
C LEU A 52 -12.30 -14.09 8.70
N LYS A 53 -13.48 -13.49 8.53
CA LYS A 53 -14.02 -12.57 9.52
C LYS A 53 -14.09 -13.23 10.89
N ARG A 54 -14.43 -12.45 11.91
CA ARG A 54 -14.53 -12.95 13.27
C ARG A 54 -15.98 -12.92 13.76
N ALA A 55 -16.38 -13.95 14.49
CA ALA A 55 -17.74 -14.04 15.03
C ALA A 55 -17.73 -14.45 16.49
N LEU A 56 -18.38 -13.65 17.33
CA LEU A 56 -18.45 -13.95 18.76
C LEU A 56 -19.86 -13.75 19.29
N LYS A 57 -20.38 -14.76 19.98
CA LYS A 57 -21.72 -14.70 20.54
C LYS A 57 -21.78 -15.43 21.87
N ASN A 58 -21.88 -14.66 22.96
CA ASN A 58 -21.95 -15.23 24.29
C ASN A 58 -20.68 -16.02 24.62
N LYS A 59 -19.54 -15.51 24.16
CA LYS A 59 -18.26 -16.16 24.40
C LYS A 59 -17.72 -15.81 25.78
N ASN A 60 -18.23 -14.72 26.35
CA ASN A 60 -17.79 -14.27 27.67
C ASN A 60 -18.45 -15.10 28.77
N LYS A 61 -19.62 -15.66 28.46
CA LYS A 61 -20.35 -16.48 29.42
C LYS A 61 -20.67 -15.69 30.68
N ALA A 62 -21.07 -14.44 30.51
CA ALA A 62 -21.42 -13.58 31.63
C ALA A 62 -22.92 -13.34 31.72
N GLU A 63 -23.49 -13.54 32.91
CA GLU A 63 -24.91 -13.35 33.12
C GLU A 63 -25.23 -11.89 33.43
N GLY A 1 22.06 -1.43 11.15
CA GLY A 1 21.00 -0.49 11.46
C GLY A 1 20.16 -0.14 10.25
N SER A 2 19.37 0.93 10.36
CA SER A 2 18.51 1.37 9.28
C SER A 2 17.65 0.21 8.77
N HIS A 3 17.26 -0.68 9.67
CA HIS A 3 16.45 -1.82 9.31
C HIS A 3 15.03 -1.38 8.91
N MET A 4 14.26 -2.31 8.36
CA MET A 4 12.90 -2.02 7.94
C MET A 4 11.90 -2.91 8.68
N VAL A 5 11.06 -2.29 9.50
CA VAL A 5 10.06 -3.03 10.26
C VAL A 5 8.67 -2.81 9.69
N GLU A 6 7.95 -3.90 9.48
CA GLU A 6 6.59 -3.83 8.93
C GLU A 6 5.64 -3.18 9.92
N MET A 7 4.95 -2.13 9.49
CA MET A 7 4.01 -1.41 10.34
C MET A 7 2.95 -0.70 9.50
N ARG A 8 1.72 -0.69 9.99
CA ARG A 8 0.62 -0.04 9.28
C ARG A 8 0.90 1.45 9.09
N MET A 9 0.65 1.94 7.88
CA MET A 9 0.87 3.35 7.58
C MET A 9 0.37 3.69 6.18
N LYS A 10 0.58 4.93 5.77
CA LYS A 10 0.15 5.38 4.44
C LYS A 10 1.30 5.99 3.67
N LYS A 11 1.13 6.15 2.36
CA LYS A 11 2.15 6.73 1.51
C LYS A 11 1.57 7.77 0.57
N CYS A 12 2.37 8.79 0.24
CA CYS A 12 1.92 9.84 -0.66
C CYS A 12 1.81 9.34 -2.10
N PRO A 13 0.59 9.36 -2.64
CA PRO A 13 0.32 8.90 -4.00
C PRO A 13 0.91 9.84 -5.06
N LYS A 14 1.45 10.97 -4.59
CA LYS A 14 2.04 11.95 -5.49
C LYS A 14 3.55 11.77 -5.59
N CYS A 15 4.19 11.53 -4.43
CA CYS A 15 5.63 11.34 -4.39
C CYS A 15 5.97 9.87 -4.10
N GLY A 16 5.46 9.37 -2.98
CA GLY A 16 5.72 7.98 -2.60
C GLY A 16 6.42 7.87 -1.27
N LEU A 17 6.22 8.86 -0.41
CA LEU A 17 6.83 8.87 0.92
C LEU A 17 5.90 8.24 1.95
N TYR A 18 6.44 7.34 2.77
CA TYR A 18 5.66 6.68 3.80
C TYR A 18 5.60 7.53 5.06
N THR A 19 4.48 7.42 5.78
CA THR A 19 4.30 8.18 7.02
C THR A 19 3.00 7.80 7.70
N LEU A 20 2.77 8.35 8.89
CA LEU A 20 1.56 8.07 9.65
C LEU A 20 0.80 9.36 9.95
N LYS A 21 1.32 10.47 9.46
CA LYS A 21 0.69 11.77 9.68
C LYS A 21 -0.47 11.97 8.70
N GLU A 22 -0.67 11.00 7.82
CA GLU A 22 -1.74 11.08 6.83
C GLU A 22 -1.51 12.24 5.87
N ILE A 23 -0.33 12.84 5.95
CA ILE A 23 0.02 13.96 5.08
C ILE A 23 1.49 13.91 4.68
N CYS A 24 1.77 14.31 3.45
CA CYS A 24 3.14 14.31 2.94
C CYS A 24 3.86 15.60 3.34
N PRO A 25 4.87 15.45 4.22
CA PRO A 25 5.66 16.59 4.71
C PRO A 25 6.56 17.17 3.63
N LYS A 26 6.60 16.51 2.47
CA LYS A 26 7.42 16.97 1.36
C LYS A 26 6.69 18.04 0.55
N CYS A 27 5.53 17.66 0.00
CA CYS A 27 4.73 18.59 -0.79
C CYS A 27 3.54 19.11 0.01
N GLY A 28 2.95 18.24 0.82
CA GLY A 28 1.80 18.63 1.62
C GLY A 28 0.51 18.04 1.11
N GLU A 29 0.59 16.88 0.47
CA GLU A 29 -0.58 16.21 -0.07
C GLU A 29 -0.98 15.02 0.79
N LYS A 30 -2.28 14.87 1.03
CA LYS A 30 -2.78 13.77 1.84
C LYS A 30 -2.25 12.44 1.34
N THR A 31 -1.80 11.59 2.26
CA THR A 31 -1.26 10.28 1.93
C THR A 31 -2.37 9.23 1.87
N VAL A 32 -2.10 8.14 1.17
CA VAL A 32 -3.08 7.06 1.03
C VAL A 32 -2.42 5.70 1.24
N ILE A 33 -3.22 4.74 1.69
CA ILE A 33 -2.72 3.40 1.94
C ILE A 33 -2.17 2.76 0.65
N PRO A 34 -0.86 2.55 0.61
CA PRO A 34 -0.19 1.95 -0.55
C PRO A 34 -0.53 0.47 -0.72
N LYS A 35 -1.22 0.14 -1.80
CA LYS A 35 -1.61 -1.24 -2.08
C LYS A 35 -0.87 -1.77 -3.30
N PRO A 36 0.42 -2.10 -3.13
CA PRO A 36 1.25 -2.62 -4.21
C PRO A 36 0.86 -4.04 -4.62
N PRO A 37 1.39 -4.51 -5.75
CA PRO A 37 1.10 -5.84 -6.27
C PRO A 37 1.72 -6.94 -5.42
N LYS A 38 2.96 -6.72 -4.98
CA LYS A 38 3.66 -7.68 -4.15
C LYS A 38 3.65 -9.06 -4.80
N PHE A 39 4.65 -9.34 -5.64
CA PHE A 39 4.76 -10.62 -6.32
C PHE A 39 6.15 -11.21 -6.15
N SER A 40 6.84 -10.79 -5.09
CA SER A 40 8.19 -11.27 -4.83
C SER A 40 8.16 -12.72 -4.35
N LEU A 41 9.34 -13.30 -4.16
CA LEU A 41 9.45 -14.68 -3.71
C LEU A 41 8.70 -14.89 -2.40
N GLU A 42 8.57 -13.83 -1.62
CA GLU A 42 7.87 -13.89 -0.35
C GLU A 42 6.47 -14.48 -0.52
N ASP A 43 5.86 -14.22 -1.68
CA ASP A 43 4.53 -14.72 -1.97
C ASP A 43 4.60 -15.96 -2.86
N ARG A 44 4.07 -17.07 -2.35
CA ARG A 44 4.08 -18.32 -3.10
C ARG A 44 3.30 -18.18 -4.41
N TRP A 45 1.98 -18.06 -4.29
CA TRP A 45 1.12 -17.92 -5.46
C TRP A 45 0.79 -16.46 -5.72
N GLY A 46 0.86 -15.64 -4.68
CA GLY A 46 0.57 -14.23 -4.81
C GLY A 46 -0.91 -13.97 -5.07
N LYS A 47 -1.30 -14.05 -6.33
CA LYS A 47 -2.69 -13.81 -6.71
C LYS A 47 -3.63 -14.66 -5.87
N TYR A 48 -3.17 -15.85 -5.49
CA TYR A 48 -3.98 -16.76 -4.68
C TYR A 48 -4.07 -16.27 -3.23
N ARG A 49 -2.98 -15.69 -2.74
CA ARG A 49 -2.93 -15.19 -1.38
C ARG A 49 -3.93 -14.06 -1.19
N ARG A 50 -4.16 -13.28 -2.25
CA ARG A 50 -5.09 -12.17 -2.20
C ARG A 50 -6.50 -12.65 -1.85
N MET A 51 -6.82 -13.87 -2.26
CA MET A 51 -8.14 -14.45 -2.00
C MET A 51 -8.09 -15.36 -0.79
N LEU A 52 -6.93 -15.98 -0.56
CA LEU A 52 -6.75 -16.88 0.58
C LEU A 52 -7.13 -16.20 1.88
N LYS A 53 -6.92 -14.90 1.95
CA LYS A 53 -7.25 -14.12 3.14
C LYS A 53 -8.75 -14.13 3.40
N ARG A 54 -9.14 -13.75 4.62
CA ARG A 54 -10.55 -13.71 4.99
C ARG A 54 -11.34 -12.82 4.04
N ALA A 55 -12.67 -12.90 4.13
CA ALA A 55 -13.54 -12.10 3.28
C ALA A 55 -14.91 -11.91 3.93
N LEU A 56 -15.12 -10.73 4.50
CA LEU A 56 -16.39 -10.41 5.16
C LEU A 56 -16.83 -8.99 4.83
N LYS A 57 -18.12 -8.83 4.53
CA LYS A 57 -18.68 -7.52 4.21
C LYS A 57 -18.40 -6.52 5.33
N ASN A 58 -17.71 -5.44 4.97
CA ASN A 58 -17.38 -4.41 5.96
C ASN A 58 -17.75 -3.02 5.43
N LYS A 59 -18.70 -2.38 6.10
CA LYS A 59 -19.14 -1.05 5.69
C LYS A 59 -18.03 -0.02 5.89
N ASN A 60 -18.27 1.20 5.41
CA ASN A 60 -17.29 2.27 5.54
C ASN A 60 -16.91 2.50 7.00
N LYS A 61 -15.73 2.02 7.37
CA LYS A 61 -15.25 2.16 8.74
C LYS A 61 -13.79 2.62 8.76
N ALA A 62 -13.52 3.70 9.48
CA ALA A 62 -12.17 4.25 9.58
C ALA A 62 -11.62 4.10 10.99
N GLU A 63 -10.44 3.52 11.12
CA GLU A 63 -9.80 3.33 12.42
C GLU A 63 -9.73 4.64 13.19
N GLY A 1 -3.57 -13.85 3.88
CA GLY A 1 -3.39 -12.89 2.81
C GLY A 1 -2.00 -12.28 2.80
N SER A 2 -1.55 -11.87 1.62
CA SER A 2 -0.22 -11.28 1.47
C SER A 2 -0.32 -9.78 1.20
N HIS A 3 0.41 -8.99 1.99
CA HIS A 3 0.41 -7.55 1.82
C HIS A 3 -1.00 -6.98 1.99
N MET A 4 -1.83 -7.69 2.73
CA MET A 4 -3.20 -7.27 2.95
C MET A 4 -3.37 -6.68 4.35
N VAL A 5 -3.40 -5.35 4.43
CA VAL A 5 -3.55 -4.66 5.71
C VAL A 5 -2.53 -5.15 6.72
N GLU A 6 -1.25 -5.03 6.38
CA GLU A 6 -0.18 -5.47 7.27
C GLU A 6 0.32 -4.32 8.12
N MET A 7 0.23 -3.10 7.59
CA MET A 7 0.67 -1.91 8.30
C MET A 7 -0.28 -0.74 8.06
N ARG A 8 -0.78 -0.16 9.14
CA ARG A 8 -1.70 0.97 9.05
C ARG A 8 -1.05 2.15 8.35
N MET A 9 0.29 2.15 8.32
CA MET A 9 1.03 3.23 7.68
C MET A 9 0.52 3.48 6.27
N LYS A 10 0.79 4.68 5.76
CA LYS A 10 0.36 5.06 4.42
C LYS A 10 1.49 5.67 3.63
N LYS A 11 1.23 6.02 2.37
CA LYS A 11 2.24 6.63 1.51
C LYS A 11 1.61 7.68 0.60
N CYS A 12 2.39 8.70 0.27
CA CYS A 12 1.92 9.77 -0.60
C CYS A 12 1.79 9.29 -2.05
N PRO A 13 0.56 9.30 -2.57
CA PRO A 13 0.28 8.87 -3.94
C PRO A 13 0.83 9.82 -4.98
N LYS A 14 1.36 10.95 -4.51
CA LYS A 14 1.93 11.96 -5.39
C LYS A 14 3.44 11.79 -5.53
N CYS A 15 4.10 11.51 -4.40
CA CYS A 15 5.54 11.32 -4.39
C CYS A 15 5.90 9.87 -4.09
N GLY A 16 5.42 9.37 -2.96
CA GLY A 16 5.69 8.00 -2.57
C GLY A 16 6.41 7.90 -1.24
N LEU A 17 6.18 8.88 -0.37
CA LEU A 17 6.81 8.90 0.94
C LEU A 17 5.91 8.26 1.99
N TYR A 18 6.47 7.35 2.78
CA TYR A 18 5.72 6.66 3.82
C TYR A 18 5.61 7.53 5.08
N THR A 19 4.48 7.41 5.77
CA THR A 19 4.25 8.18 6.98
C THR A 19 2.94 7.77 7.65
N LEU A 20 2.66 8.35 8.81
CA LEU A 20 1.44 8.06 9.54
C LEU A 20 0.68 9.33 9.88
N LYS A 21 1.19 10.46 9.40
CA LYS A 21 0.56 11.76 9.65
C LYS A 21 -0.58 12.00 8.67
N GLU A 22 -0.80 11.04 7.78
CA GLU A 22 -1.86 11.16 6.78
C GLU A 22 -1.60 12.34 5.85
N ILE A 23 -0.40 12.89 5.93
CA ILE A 23 -0.03 14.04 5.10
C ILE A 23 1.44 13.96 4.69
N CYS A 24 1.73 14.40 3.47
CA CYS A 24 3.10 14.38 2.96
C CYS A 24 3.83 15.67 3.32
N PRO A 25 4.82 15.55 4.21
CA PRO A 25 5.62 16.70 4.66
C PRO A 25 6.53 17.24 3.55
N LYS A 26 6.58 16.53 2.43
CA LYS A 26 7.41 16.94 1.31
C LYS A 26 6.71 17.99 0.46
N CYS A 27 5.55 17.61 -0.10
CA CYS A 27 4.77 18.52 -0.93
C CYS A 27 3.60 19.11 -0.15
N GLY A 28 3.00 18.29 0.72
CA GLY A 28 1.88 18.74 1.51
C GLY A 28 0.56 18.13 1.05
N GLU A 29 0.64 16.94 0.46
CA GLU A 29 -0.55 16.25 -0.02
C GLU A 29 -0.88 15.05 0.87
N LYS A 30 -2.16 14.90 1.19
CA LYS A 30 -2.61 13.80 2.02
C LYS A 30 -2.09 12.47 1.51
N THR A 31 -1.69 11.60 2.43
CA THR A 31 -1.16 10.29 2.06
C THR A 31 -2.28 9.25 1.97
N VAL A 32 -2.02 8.18 1.23
CA VAL A 32 -3.01 7.11 1.06
C VAL A 32 -2.36 5.74 1.22
N ILE A 33 -3.16 4.76 1.62
CA ILE A 33 -2.67 3.40 1.81
C ILE A 33 -2.17 2.81 0.49
N PRO A 34 -0.86 2.59 0.39
CA PRO A 34 -0.24 2.01 -0.81
C PRO A 34 -0.60 0.55 -1.01
N LYS A 35 -1.06 -0.10 0.06
CA LYS A 35 -1.43 -1.50 -0.01
C LYS A 35 -2.57 -1.72 -1.01
N PRO A 36 -2.74 -2.97 -1.46
CA PRO A 36 -3.79 -3.33 -2.43
C PRO A 36 -5.18 -3.24 -1.82
N PRO A 37 -6.21 -3.31 -2.69
CA PRO A 37 -7.61 -3.24 -2.25
C PRO A 37 -8.03 -4.50 -1.50
N LYS A 38 -9.28 -4.49 -1.01
CA LYS A 38 -9.81 -5.64 -0.28
C LYS A 38 -10.77 -6.44 -1.14
N PHE A 39 -11.15 -7.62 -0.65
CA PHE A 39 -12.07 -8.48 -1.38
C PHE A 39 -13.48 -7.89 -1.41
N SER A 40 -13.86 -7.34 -2.55
CA SER A 40 -15.18 -6.73 -2.69
C SER A 40 -15.97 -7.41 -3.81
N LEU A 41 -17.24 -7.71 -3.53
CA LEU A 41 -18.10 -8.36 -4.51
C LEU A 41 -18.67 -7.35 -5.50
N GLU A 42 -18.79 -6.11 -5.07
CA GLU A 42 -19.33 -5.04 -5.91
C GLU A 42 -18.44 -4.84 -7.14
N ASP A 43 -17.14 -5.09 -6.97
CA ASP A 43 -16.19 -4.93 -8.07
C ASP A 43 -16.62 -5.75 -9.29
N ARG A 44 -16.97 -5.05 -10.36
CA ARG A 44 -17.40 -5.70 -11.59
C ARG A 44 -16.29 -6.58 -12.16
N TRP A 45 -15.06 -6.06 -12.15
CA TRP A 45 -13.92 -6.79 -12.67
C TRP A 45 -13.08 -7.35 -11.53
N GLY A 46 -13.67 -7.46 -10.35
CA GLY A 46 -12.96 -7.98 -9.19
C GLY A 46 -12.49 -9.40 -9.40
N LYS A 47 -13.25 -10.18 -10.17
CA LYS A 47 -12.92 -11.56 -10.44
C LYS A 47 -12.01 -11.67 -11.65
N TYR A 48 -12.16 -10.75 -12.58
CA TYR A 48 -11.35 -10.74 -13.80
C TYR A 48 -9.87 -10.80 -13.47
N ARG A 49 -9.51 -10.25 -12.31
CA ARG A 49 -8.11 -10.24 -11.88
C ARG A 49 -7.52 -11.64 -11.92
N ARG A 50 -8.34 -12.64 -11.64
CA ARG A 50 -7.89 -14.02 -11.64
C ARG A 50 -7.42 -14.44 -13.05
N MET A 51 -8.08 -13.89 -14.06
CA MET A 51 -7.74 -14.20 -15.44
C MET A 51 -6.91 -13.06 -16.06
N LEU A 52 -6.21 -12.32 -15.22
CA LEU A 52 -5.40 -11.21 -15.68
C LEU A 52 -4.22 -11.72 -16.51
N LYS A 53 -3.83 -12.95 -16.28
CA LYS A 53 -2.72 -13.56 -17.01
C LYS A 53 -3.00 -15.03 -17.30
N ARG A 54 -2.25 -15.59 -18.25
CA ARG A 54 -2.43 -17.00 -18.63
C ARG A 54 -2.31 -17.90 -17.40
N ALA A 55 -3.27 -18.81 -17.26
CA ALA A 55 -3.28 -19.75 -16.14
C ALA A 55 -3.65 -21.15 -16.60
N LEU A 56 -2.67 -22.05 -16.59
CA LEU A 56 -2.89 -23.42 -17.00
C LEU A 56 -2.68 -24.38 -15.84
N LYS A 57 -3.66 -25.25 -15.60
CA LYS A 57 -3.58 -26.22 -14.51
C LYS A 57 -3.71 -27.64 -15.05
N ASN A 58 -2.67 -28.45 -14.83
CA ASN A 58 -2.67 -29.83 -15.30
C ASN A 58 -3.24 -30.76 -14.24
N LYS A 59 -3.16 -30.34 -12.97
CA LYS A 59 -3.67 -31.13 -11.87
C LYS A 59 -5.20 -31.15 -11.86
N ASN A 60 -5.77 -32.31 -12.20
CA ASN A 60 -7.22 -32.45 -12.24
C ASN A 60 -7.74 -33.08 -10.95
N LYS A 61 -6.95 -33.99 -10.38
CA LYS A 61 -7.34 -34.65 -9.14
C LYS A 61 -7.68 -33.64 -8.06
N ALA A 62 -7.03 -32.48 -8.11
CA ALA A 62 -7.28 -31.43 -7.14
C ALA A 62 -8.66 -30.79 -7.34
N GLU A 63 -8.99 -30.51 -8.60
CA GLU A 63 -10.27 -29.90 -8.94
C GLU A 63 -11.43 -30.80 -8.52
N GLY A 1 18.07 -4.02 2.91
CA GLY A 1 17.59 -5.37 2.76
C GLY A 1 16.32 -5.45 1.94
N SER A 2 15.28 -6.02 2.52
CA SER A 2 14.00 -6.16 1.82
C SER A 2 13.39 -4.80 1.52
N HIS A 3 12.97 -4.60 0.27
CA HIS A 3 12.37 -3.34 -0.15
C HIS A 3 10.85 -3.37 0.02
N MET A 4 10.20 -4.26 -0.72
CA MET A 4 8.75 -4.39 -0.64
C MET A 4 8.31 -4.78 0.77
N VAL A 5 7.64 -3.86 1.45
CA VAL A 5 7.17 -4.11 2.81
C VAL A 5 5.72 -3.65 2.98
N GLU A 6 5.11 -4.03 4.10
CA GLU A 6 3.73 -3.64 4.37
C GLU A 6 3.59 -3.15 5.82
N MET A 7 2.66 -2.23 6.02
CA MET A 7 2.42 -1.66 7.35
C MET A 7 1.07 -0.95 7.40
N ARG A 8 0.61 -0.67 8.62
CA ARG A 8 -0.67 0.01 8.81
C ARG A 8 -0.57 1.47 8.40
N MET A 9 0.66 1.94 8.15
CA MET A 9 0.89 3.32 7.75
C MET A 9 0.39 3.57 6.33
N LYS A 10 0.70 4.74 5.79
CA LYS A 10 0.28 5.10 4.44
C LYS A 10 1.44 5.71 3.66
N LYS A 11 1.17 6.05 2.41
CA LYS A 11 2.20 6.65 1.54
C LYS A 11 1.59 7.68 0.61
N CYS A 12 2.36 8.71 0.28
CA CYS A 12 1.90 9.76 -0.61
C CYS A 12 1.79 9.26 -2.05
N PRO A 13 0.58 9.25 -2.59
CA PRO A 13 0.32 8.79 -3.97
C PRO A 13 0.87 9.75 -5.00
N LYS A 14 1.40 10.89 -4.55
CA LYS A 14 1.96 11.89 -5.44
C LYS A 14 3.47 11.74 -5.55
N CYS A 15 4.12 11.51 -4.40
CA CYS A 15 5.57 11.34 -4.37
C CYS A 15 5.93 9.89 -4.07
N GLY A 16 5.45 9.38 -2.94
CA GLY A 16 5.74 8.00 -2.57
C GLY A 16 6.43 7.91 -1.22
N LEU A 17 6.22 8.91 -0.38
CA LEU A 17 6.83 8.95 0.95
C LEU A 17 5.92 8.27 1.98
N TYR A 18 6.50 7.39 2.78
CA TYR A 18 5.75 6.68 3.81
C TYR A 18 5.64 7.51 5.09
N THR A 19 4.50 7.41 5.76
CA THR A 19 4.27 8.15 6.99
C THR A 19 2.94 7.76 7.63
N LEU A 20 2.69 8.27 8.82
CA LEU A 20 1.45 7.98 9.54
C LEU A 20 0.72 9.28 9.91
N LYS A 21 1.20 10.39 9.37
CA LYS A 21 0.59 11.68 9.64
C LYS A 21 -0.56 11.96 8.67
N GLU A 22 -0.80 11.01 7.77
CA GLU A 22 -1.87 11.15 6.79
C GLU A 22 -1.62 12.35 5.87
N ILE A 23 -0.40 12.90 5.94
CA ILE A 23 -0.03 14.04 5.12
C ILE A 23 1.43 13.95 4.71
N CYS A 24 1.71 14.40 3.48
CA CYS A 24 3.08 14.39 2.96
C CYS A 24 3.81 15.68 3.31
N PRO A 25 4.81 15.57 4.20
CA PRO A 25 5.62 16.71 4.64
C PRO A 25 6.52 17.25 3.52
N LYS A 26 6.57 16.52 2.41
CA LYS A 26 7.40 16.92 1.28
C LYS A 26 6.69 17.96 0.43
N CYS A 27 5.55 17.59 -0.13
CA CYS A 27 4.77 18.50 -0.96
C CYS A 27 3.61 19.11 -0.18
N GLY A 28 3.02 18.31 0.71
CA GLY A 28 1.91 18.79 1.51
C GLY A 28 0.58 18.20 1.07
N GLU A 29 0.62 16.99 0.52
CA GLU A 29 -0.59 16.33 0.04
C GLU A 29 -0.91 15.12 0.91
N LYS A 30 -2.19 14.95 1.22
CA LYS A 30 -2.64 13.83 2.04
C LYS A 30 -2.10 12.51 1.51
N THR A 31 -1.74 11.62 2.43
CA THR A 31 -1.20 10.31 2.05
C THR A 31 -2.31 9.28 1.95
N VAL A 32 -2.04 8.20 1.21
CA VAL A 32 -3.02 7.13 1.03
C VAL A 32 -2.37 5.76 1.21
N ILE A 33 -3.18 4.78 1.58
CA ILE A 33 -2.68 3.42 1.79
C ILE A 33 -2.17 2.82 0.48
N PRO A 34 -0.85 2.59 0.42
CA PRO A 34 -0.20 2.01 -0.76
C PRO A 34 -0.57 0.55 -0.97
N LYS A 35 -1.73 0.31 -1.57
CA LYS A 35 -2.19 -1.04 -1.84
C LYS A 35 -1.26 -1.76 -2.81
N PRO A 36 -1.33 -3.10 -2.83
CA PRO A 36 -0.51 -3.93 -3.71
C PRO A 36 -0.90 -3.79 -5.17
N PRO A 37 -0.05 -4.30 -6.07
CA PRO A 37 -0.30 -4.26 -7.52
C PRO A 37 -1.45 -5.17 -7.94
N LYS A 38 -1.61 -5.32 -9.25
CA LYS A 38 -2.67 -6.17 -9.78
C LYS A 38 -2.59 -7.59 -9.22
N PHE A 39 -3.72 -8.27 -9.17
CA PHE A 39 -3.78 -9.62 -8.64
C PHE A 39 -4.16 -10.62 -9.74
N SER A 40 -3.80 -10.29 -10.98
CA SER A 40 -4.11 -11.15 -12.12
C SER A 40 -3.11 -10.93 -13.25
N LEU A 41 -3.32 -11.63 -14.36
CA LEU A 41 -2.43 -11.51 -15.52
C LEU A 41 -1.02 -11.99 -15.17
N GLU A 42 -0.95 -13.05 -14.36
CA GLU A 42 0.35 -13.60 -13.96
C GLU A 42 1.15 -12.58 -13.16
N ASP A 43 0.45 -11.68 -12.49
CA ASP A 43 1.10 -10.66 -11.68
C ASP A 43 2.11 -11.27 -10.72
N ARG A 44 2.92 -10.42 -10.09
CA ARG A 44 3.93 -10.88 -9.15
C ARG A 44 3.30 -11.75 -8.06
N TRP A 45 2.08 -11.40 -7.66
CA TRP A 45 1.37 -12.15 -6.62
C TRP A 45 0.42 -13.17 -7.24
N GLY A 46 0.67 -13.52 -8.50
CA GLY A 46 -0.16 -14.48 -9.18
C GLY A 46 -0.17 -15.84 -8.50
N LYS A 47 0.95 -16.18 -7.87
CA LYS A 47 1.08 -17.46 -7.18
C LYS A 47 0.50 -17.37 -5.77
N TYR A 48 0.54 -16.18 -5.19
CA TYR A 48 0.02 -15.98 -3.85
C TYR A 48 -1.47 -16.31 -3.78
N ARG A 49 -2.14 -16.23 -4.92
CA ARG A 49 -3.56 -16.53 -5.00
C ARG A 49 -3.85 -17.92 -4.44
N ARG A 50 -3.38 -18.94 -5.14
CA ARG A 50 -3.60 -20.32 -4.71
C ARG A 50 -3.01 -20.56 -3.32
N MET A 51 -2.05 -19.72 -2.94
CA MET A 51 -1.41 -19.84 -1.64
C MET A 51 -2.06 -18.90 -0.62
N LEU A 52 -3.33 -18.56 -0.87
CA LEU A 52 -4.06 -17.67 0.02
C LEU A 52 -5.14 -18.43 0.78
N LYS A 53 -5.61 -19.53 0.20
CA LYS A 53 -6.65 -20.35 0.83
C LYS A 53 -6.74 -21.71 0.14
N ARG A 54 -7.38 -22.66 0.82
CA ARG A 54 -7.54 -24.00 0.28
C ARG A 54 -9.02 -24.35 0.12
N ALA A 55 -9.30 -25.40 -0.65
CA ALA A 55 -10.67 -25.83 -0.88
C ALA A 55 -11.16 -26.74 0.25
N LEU A 56 -10.22 -27.38 0.93
CA LEU A 56 -10.55 -28.28 2.03
C LEU A 56 -11.46 -27.58 3.04
N LYS A 57 -12.58 -28.23 3.37
CA LYS A 57 -13.53 -27.69 4.31
C LYS A 57 -13.32 -28.28 5.71
N ASN A 58 -13.23 -27.40 6.71
CA ASN A 58 -13.02 -27.83 8.08
C ASN A 58 -14.14 -27.33 8.99
N LYS A 59 -14.44 -28.08 10.04
CA LYS A 59 -15.47 -27.70 10.99
C LYS A 59 -15.09 -26.44 11.75
N ASN A 60 -16.02 -25.50 11.85
CA ASN A 60 -15.78 -24.25 12.56
C ASN A 60 -16.66 -24.14 13.79
N LYS A 61 -17.81 -24.82 13.75
CA LYS A 61 -18.75 -24.80 14.87
C LYS A 61 -19.26 -23.38 15.12
N ALA A 62 -19.61 -22.68 14.06
CA ALA A 62 -20.11 -21.31 14.18
C ALA A 62 -21.49 -21.29 14.81
N GLU A 63 -21.89 -20.13 15.32
CA GLU A 63 -23.19 -19.97 15.96
C GLU A 63 -24.29 -19.81 14.91
N GLY A 1 20.48 -8.09 6.57
CA GLY A 1 19.05 -8.11 6.78
C GLY A 1 18.66 -7.68 8.18
N SER A 2 17.39 -7.32 8.35
CA SER A 2 16.89 -6.88 9.65
C SER A 2 15.38 -7.12 9.76
N HIS A 3 14.96 -7.63 10.92
CA HIS A 3 13.55 -7.91 11.16
C HIS A 3 12.78 -6.62 11.45
N MET A 4 11.54 -6.54 10.97
CA MET A 4 10.71 -5.38 11.18
C MET A 4 9.37 -5.77 11.78
N VAL A 5 8.69 -4.79 12.40
CA VAL A 5 7.39 -5.05 13.01
C VAL A 5 6.26 -4.66 12.06
N GLU A 6 5.16 -5.39 12.14
CA GLU A 6 4.00 -5.12 11.30
C GLU A 6 3.11 -4.05 11.91
N MET A 7 3.08 -2.88 11.28
CA MET A 7 2.27 -1.77 11.77
C MET A 7 1.62 -1.02 10.62
N ARG A 8 0.46 -0.42 10.88
CA ARG A 8 -0.25 0.33 9.86
C ARG A 8 0.55 1.54 9.39
N MET A 9 0.36 1.93 8.13
CA MET A 9 1.07 3.06 7.57
C MET A 9 0.56 3.38 6.17
N LYS A 10 0.78 4.62 5.72
CA LYS A 10 0.34 5.05 4.41
C LYS A 10 1.49 5.68 3.63
N LYS A 11 1.22 6.03 2.37
CA LYS A 11 2.24 6.64 1.52
C LYS A 11 1.61 7.68 0.60
N CYS A 12 2.38 8.71 0.26
CA CYS A 12 1.91 9.77 -0.61
C CYS A 12 1.79 9.28 -2.05
N PRO A 13 0.56 9.28 -2.59
CA PRO A 13 0.30 8.84 -3.96
C PRO A 13 0.85 9.80 -5.00
N LYS A 14 1.39 10.92 -4.53
CA LYS A 14 1.96 11.92 -5.43
C LYS A 14 3.47 11.76 -5.54
N CYS A 15 4.12 11.51 -4.40
CA CYS A 15 5.56 11.33 -4.37
C CYS A 15 5.93 9.88 -4.06
N GLY A 16 5.43 9.38 -2.94
CA GLY A 16 5.71 8.01 -2.56
C GLY A 16 6.43 7.91 -1.23
N LEU A 17 6.16 8.86 -0.33
CA LEU A 17 6.79 8.89 0.98
C LEU A 17 5.90 8.24 2.03
N TYR A 18 6.47 7.32 2.81
CA TYR A 18 5.72 6.62 3.84
C TYR A 18 5.62 7.48 5.11
N THR A 19 4.49 7.36 5.80
CA THR A 19 4.26 8.11 7.02
C THR A 19 2.94 7.71 7.68
N LEU A 20 2.63 8.37 8.80
CA LEU A 20 1.39 8.08 9.51
C LEU A 20 0.65 9.37 9.86
N LYS A 21 1.18 10.50 9.40
CA LYS A 21 0.58 11.79 9.66
C LYS A 21 -0.57 12.06 8.69
N GLU A 22 -0.81 11.10 7.79
CA GLU A 22 -1.89 11.23 6.81
C GLU A 22 -1.62 12.41 5.88
N ILE A 23 -0.42 12.97 5.96
CA ILE A 23 -0.04 14.10 5.12
C ILE A 23 1.43 14.00 4.70
N CYS A 24 1.72 14.43 3.48
CA CYS A 24 3.08 14.41 2.95
C CYS A 24 3.82 15.68 3.30
N PRO A 25 4.83 15.57 4.19
CA PRO A 25 5.64 16.70 4.63
C PRO A 25 6.54 17.24 3.51
N LYS A 26 6.57 16.52 2.39
CA LYS A 26 7.40 16.92 1.25
C LYS A 26 6.68 17.97 0.42
N CYS A 27 5.53 17.60 -0.13
CA CYS A 27 4.76 18.51 -0.96
C CYS A 27 3.60 19.12 -0.17
N GLY A 28 3.01 18.31 0.70
CA GLY A 28 1.89 18.77 1.51
C GLY A 28 0.57 18.18 1.07
N GLU A 29 0.63 16.98 0.50
CA GLU A 29 -0.57 16.31 0.03
C GLU A 29 -0.91 15.11 0.91
N LYS A 30 -2.18 14.93 1.21
CA LYS A 30 -2.63 13.82 2.05
C LYS A 30 -2.09 12.50 1.53
N THR A 31 -1.72 11.62 2.46
CA THR A 31 -1.18 10.30 2.09
C THR A 31 -2.29 9.27 1.98
N VAL A 32 -2.01 8.18 1.26
CA VAL A 32 -2.98 7.11 1.08
C VAL A 32 -2.34 5.74 1.24
N ILE A 33 -3.14 4.76 1.64
CA ILE A 33 -2.64 3.41 1.83
C ILE A 33 -2.15 2.80 0.51
N PRO A 34 -0.84 2.57 0.42
CA PRO A 34 -0.21 1.99 -0.78
C PRO A 34 -0.59 0.53 -0.97
N LYS A 35 -1.57 0.29 -1.85
CA LYS A 35 -2.01 -1.07 -2.14
C LYS A 35 -0.86 -1.93 -2.62
N PRO A 36 -1.03 -3.26 -2.53
CA PRO A 36 -0.01 -4.23 -2.96
C PRO A 36 0.16 -4.25 -4.47
N PRO A 37 1.24 -4.90 -4.93
CA PRO A 37 1.54 -5.02 -6.36
C PRO A 37 0.56 -5.93 -7.09
N LYS A 38 -0.03 -5.41 -8.16
CA LYS A 38 -1.00 -6.16 -8.95
C LYS A 38 -0.38 -7.47 -9.46
N PHE A 39 -1.23 -8.44 -9.77
CA PHE A 39 -0.76 -9.73 -10.27
C PHE A 39 0.00 -9.57 -11.57
N SER A 40 -0.64 -8.95 -12.56
CA SER A 40 -0.02 -8.72 -13.86
C SER A 40 1.25 -7.89 -13.72
N LEU A 41 1.22 -6.91 -12.82
CA LEU A 41 2.37 -6.04 -12.59
C LEU A 41 3.59 -6.86 -12.20
N GLU A 42 3.36 -8.00 -11.57
CA GLU A 42 4.45 -8.88 -11.14
C GLU A 42 3.96 -10.31 -10.96
N ASP A 43 4.45 -11.20 -11.82
CA ASP A 43 4.06 -12.61 -11.75
C ASP A 43 5.16 -13.49 -12.35
N ARG A 44 4.94 -14.81 -12.27
CA ARG A 44 5.91 -15.76 -12.80
C ARG A 44 6.10 -15.57 -14.30
N TRP A 45 5.01 -15.35 -15.01
CA TRP A 45 5.06 -15.15 -16.46
C TRP A 45 4.91 -13.68 -16.80
N GLY A 46 5.19 -12.81 -15.82
CA GLY A 46 5.07 -11.39 -16.06
C GLY A 46 5.85 -10.93 -17.27
N LYS A 47 6.93 -11.65 -17.59
CA LYS A 47 7.76 -11.31 -18.73
C LYS A 47 7.21 -11.93 -20.00
N TYR A 48 6.50 -13.05 -19.87
CA TYR A 48 5.92 -13.73 -21.01
C TYR A 48 5.05 -12.78 -21.84
N ARG A 49 4.50 -11.77 -21.17
CA ARG A 49 3.66 -10.79 -21.85
C ARG A 49 4.36 -10.20 -23.06
N ARG A 50 5.69 -10.09 -22.97
CA ARG A 50 6.49 -9.54 -24.06
C ARG A 50 6.23 -10.31 -25.36
N MET A 51 5.98 -11.60 -25.22
CA MET A 51 5.72 -12.45 -26.39
C MET A 51 4.30 -12.23 -26.92
N LEU A 52 3.37 -11.91 -26.01
CA LEU A 52 1.99 -11.67 -26.38
C LEU A 52 1.88 -10.45 -27.30
N LYS A 53 2.01 -9.26 -26.71
CA LYS A 53 1.92 -8.02 -27.48
C LYS A 53 3.10 -7.88 -28.42
N ARG A 54 2.85 -8.09 -29.71
CA ARG A 54 3.90 -7.98 -30.72
C ARG A 54 3.94 -6.58 -31.32
N ALA A 55 2.81 -5.90 -31.28
CA ALA A 55 2.71 -4.55 -31.82
C ALA A 55 3.55 -3.57 -31.00
N LEU A 56 3.73 -3.86 -29.72
CA LEU A 56 4.50 -3.01 -28.83
C LEU A 56 5.60 -3.82 -28.13
N LYS A 57 6.84 -3.35 -28.26
CA LYS A 57 7.97 -4.02 -27.63
C LYS A 57 8.85 -3.03 -26.88
N ASN A 58 9.24 -3.39 -25.67
CA ASN A 58 10.08 -2.53 -24.84
C ASN A 58 11.50 -2.46 -25.38
N LYS A 59 12.21 -1.39 -25.06
CA LYS A 59 13.58 -1.21 -25.52
C LYS A 59 14.58 -1.73 -24.49
N ASN A 60 15.67 -2.32 -24.96
CA ASN A 60 16.69 -2.86 -24.08
C ASN A 60 17.65 -1.76 -23.62
N LYS A 61 18.36 -2.02 -22.53
CA LYS A 61 19.31 -1.06 -21.98
C LYS A 61 20.45 -0.81 -22.97
N ALA A 62 20.89 -1.88 -23.64
CA ALA A 62 21.97 -1.78 -24.60
C ALA A 62 21.57 -0.92 -25.80
N GLU A 63 22.46 -0.03 -26.21
CA GLU A 63 22.20 0.84 -27.34
C GLU A 63 21.87 0.03 -28.60
N GLY A 1 10.53 -6.90 -3.13
CA GLY A 1 11.28 -7.97 -2.52
C GLY A 1 10.61 -8.49 -1.25
N SER A 2 11.35 -8.45 -0.14
CA SER A 2 10.82 -8.93 1.14
C SER A 2 10.97 -7.86 2.22
N HIS A 3 10.16 -7.96 3.26
CA HIS A 3 10.20 -7.01 4.36
C HIS A 3 10.44 -7.72 5.68
N MET A 4 11.50 -7.31 6.39
CA MET A 4 11.84 -7.91 7.67
C MET A 4 10.92 -7.40 8.78
N VAL A 5 10.47 -6.16 8.64
CA VAL A 5 9.58 -5.55 9.62
C VAL A 5 8.37 -4.92 8.96
N GLU A 6 7.21 -5.07 9.58
CA GLU A 6 5.98 -4.51 9.04
C GLU A 6 5.40 -3.45 9.98
N MET A 7 4.85 -2.39 9.40
CA MET A 7 4.27 -1.30 10.18
C MET A 7 3.16 -0.61 9.41
N ARG A 8 1.93 -0.70 9.93
CA ARG A 8 0.78 -0.07 9.28
C ARG A 8 1.01 1.42 9.08
N MET A 9 0.77 1.89 7.86
CA MET A 9 0.95 3.30 7.54
C MET A 9 0.46 3.60 6.13
N LYS A 10 0.59 4.86 5.71
CA LYS A 10 0.17 5.28 4.38
C LYS A 10 1.34 5.87 3.60
N LYS A 11 1.12 6.13 2.32
CA LYS A 11 2.16 6.70 1.46
C LYS A 11 1.57 7.75 0.53
N CYS A 12 2.37 8.77 0.21
CA CYS A 12 1.93 9.84 -0.68
C CYS A 12 1.82 9.34 -2.12
N PRO A 13 0.59 9.38 -2.66
CA PRO A 13 0.32 8.93 -4.04
C PRO A 13 0.92 9.88 -5.07
N LYS A 14 1.48 10.99 -4.61
CA LYS A 14 2.09 11.98 -5.50
C LYS A 14 3.60 11.76 -5.58
N CYS A 15 4.22 11.53 -4.43
CA CYS A 15 5.66 11.31 -4.39
C CYS A 15 5.99 9.85 -4.11
N GLY A 16 5.47 9.34 -2.99
CA GLY A 16 5.72 7.96 -2.62
C GLY A 16 6.41 7.83 -1.27
N LEU A 17 6.22 8.84 -0.42
CA LEU A 17 6.83 8.82 0.91
C LEU A 17 5.88 8.22 1.94
N TYR A 18 6.41 7.30 2.74
CA TYR A 18 5.61 6.65 3.78
C TYR A 18 5.54 7.49 5.04
N THR A 19 4.42 7.40 5.75
CA THR A 19 4.23 8.16 6.97
C THR A 19 2.91 7.80 7.66
N LEU A 20 2.68 8.36 8.83
CA LEU A 20 1.46 8.09 9.58
C LEU A 20 0.72 9.38 9.90
N LYS A 21 1.24 10.49 9.40
CA LYS A 21 0.63 11.79 9.62
C LYS A 21 -0.51 12.03 8.64
N GLU A 22 -0.72 11.08 7.74
CA GLU A 22 -1.78 11.20 6.74
C GLU A 22 -1.54 12.40 5.83
N ILE A 23 -0.35 12.98 5.92
CA ILE A 23 0.00 14.13 5.10
C ILE A 23 1.48 14.09 4.71
N CYS A 24 1.75 14.35 3.44
CA CYS A 24 3.12 14.34 2.93
C CYS A 24 3.87 15.60 3.38
N PRO A 25 4.90 15.41 4.22
CA PRO A 25 5.70 16.51 4.75
C PRO A 25 6.58 17.15 3.67
N LYS A 26 6.59 16.55 2.49
CA LYS A 26 7.38 17.06 1.38
C LYS A 26 6.60 18.13 0.60
N CYS A 27 5.46 17.75 0.06
CA CYS A 27 4.63 18.67 -0.70
C CYS A 27 3.42 19.11 0.11
N GLY A 28 2.83 18.16 0.84
CA GLY A 28 1.66 18.47 1.66
C GLY A 28 0.48 17.57 1.34
N GLU A 29 0.44 17.06 0.12
CA GLU A 29 -0.65 16.20 -0.32
C GLU A 29 -0.88 15.08 0.69
N LYS A 30 -2.15 14.80 0.97
CA LYS A 30 -2.51 13.74 1.92
C LYS A 30 -1.97 12.39 1.46
N THR A 31 -1.58 11.56 2.42
CA THR A 31 -1.05 10.24 2.12
C THR A 31 -2.16 9.19 2.11
N VAL A 32 -2.00 8.18 1.25
CA VAL A 32 -3.00 7.11 1.14
C VAL A 32 -2.35 5.74 1.31
N ILE A 33 -3.10 4.80 1.88
CA ILE A 33 -2.59 3.45 2.10
C ILE A 33 -2.24 2.79 0.78
N PRO A 34 -0.93 2.55 0.57
CA PRO A 34 -0.42 1.92 -0.66
C PRO A 34 -0.80 0.44 -0.74
N LYS A 35 -0.62 -0.28 0.37
CA LYS A 35 -0.94 -1.70 0.42
C LYS A 35 -1.77 -2.02 1.66
N PRO A 36 -2.57 -3.09 1.57
CA PRO A 36 -3.42 -3.54 2.69
C PRO A 36 -2.61 -4.11 3.85
N PRO A 37 -3.27 -4.30 5.00
CA PRO A 37 -2.63 -4.85 6.19
C PRO A 37 -2.28 -6.33 6.04
N LYS A 38 -1.79 -6.93 7.11
CA LYS A 38 -1.42 -8.35 7.10
C LYS A 38 -2.64 -9.24 7.30
N PHE A 39 -3.47 -8.88 8.26
CA PHE A 39 -4.68 -9.65 8.56
C PHE A 39 -5.93 -8.79 8.36
N SER A 40 -6.64 -9.03 7.27
CA SER A 40 -7.86 -8.28 6.96
C SER A 40 -9.09 -8.98 7.53
N LEU A 41 -9.13 -10.30 7.37
CA LEU A 41 -10.25 -11.09 7.86
C LEU A 41 -10.42 -10.92 9.37
N GLU A 42 -9.34 -10.50 10.04
CA GLU A 42 -9.37 -10.30 11.47
C GLU A 42 -9.54 -8.83 11.82
N ASP A 43 -9.13 -7.96 10.90
CA ASP A 43 -9.23 -6.52 11.10
C ASP A 43 -10.66 -6.13 11.48
N ARG A 44 -10.86 -5.85 12.77
CA ARG A 44 -12.17 -5.47 13.27
C ARG A 44 -12.63 -4.16 12.64
N TRP A 45 -11.67 -3.34 12.21
CA TRP A 45 -11.98 -2.06 11.58
C TRP A 45 -12.02 -2.19 10.07
N GLY A 46 -12.20 -3.42 9.59
CA GLY A 46 -12.26 -3.65 8.16
C GLY A 46 -13.31 -2.79 7.47
N LYS A 47 -14.37 -2.48 8.18
CA LYS A 47 -15.44 -1.66 7.63
C LYS A 47 -15.08 -0.18 7.69
N TYR A 48 -14.26 0.19 8.66
CA TYR A 48 -13.82 1.58 8.81
C TYR A 48 -13.16 2.09 7.54
N ARG A 49 -12.63 1.17 6.74
CA ARG A 49 -11.96 1.52 5.50
C ARG A 49 -12.86 2.40 4.64
N ARG A 50 -13.93 1.83 4.12
CA ARG A 50 -14.87 2.57 3.29
C ARG A 50 -15.35 3.84 3.98
N MET A 51 -15.63 3.72 5.28
CA MET A 51 -16.09 4.87 6.07
C MET A 51 -15.08 6.01 6.00
N LEU A 52 -13.82 5.68 5.72
CA LEU A 52 -12.77 6.68 5.63
C LEU A 52 -12.94 7.54 4.39
N LYS A 53 -13.64 7.01 3.39
CA LYS A 53 -13.87 7.72 2.15
C LYS A 53 -14.96 8.77 2.33
N ARG A 54 -14.90 9.83 1.53
CA ARG A 54 -15.88 10.90 1.59
C ARG A 54 -16.80 10.89 0.38
N ALA A 55 -17.08 9.70 -0.13
CA ALA A 55 -17.95 9.53 -1.29
C ALA A 55 -18.37 8.08 -1.48
N LEU A 56 -19.48 7.70 -0.85
CA LEU A 56 -19.98 6.34 -0.94
C LEU A 56 -21.51 6.33 -0.99
N LYS A 57 -22.06 5.45 -1.82
CA LYS A 57 -23.51 5.34 -1.96
C LYS A 57 -24.04 4.16 -1.16
N ASN A 58 -23.31 3.80 -0.09
CA ASN A 58 -23.71 2.68 0.76
C ASN A 58 -23.97 1.43 -0.07
N LYS A 59 -23.21 1.28 -1.15
CA LYS A 59 -23.35 0.12 -2.02
C LYS A 59 -23.04 -1.17 -1.27
N ASN A 60 -23.93 -2.16 -1.40
CA ASN A 60 -23.76 -3.44 -0.74
C ASN A 60 -24.06 -4.60 -1.68
N LYS A 61 -23.32 -5.69 -1.54
CA LYS A 61 -23.52 -6.86 -2.38
C LYS A 61 -23.47 -6.49 -3.86
N ALA A 62 -22.50 -5.65 -4.22
CA ALA A 62 -22.34 -5.21 -5.61
C ALA A 62 -21.24 -6.00 -6.30
N GLU A 63 -21.46 -6.31 -7.57
CA GLU A 63 -20.47 -7.06 -8.35
C GLU A 63 -19.47 -6.11 -9.02
N GLY A 1 20.11 8.46 8.47
CA GLY A 1 18.82 8.23 7.84
C GLY A 1 17.91 7.36 8.69
N SER A 2 16.98 6.67 8.04
CA SER A 2 16.04 5.82 8.75
C SER A 2 15.62 4.63 7.87
N HIS A 3 15.28 3.52 8.51
CA HIS A 3 14.85 2.33 7.79
C HIS A 3 13.33 2.28 7.65
N MET A 4 12.84 1.25 6.98
CA MET A 4 11.41 1.10 6.77
C MET A 4 10.77 0.34 7.93
N VAL A 5 9.71 0.92 8.50
CA VAL A 5 9.01 0.30 9.62
C VAL A 5 8.02 -0.76 9.13
N GLU A 6 7.70 -1.70 10.01
CA GLU A 6 6.77 -2.76 9.66
C GLU A 6 5.33 -2.35 9.99
N MET A 7 5.17 -1.51 11.00
CA MET A 7 3.86 -1.04 11.41
C MET A 7 3.10 -0.45 10.23
N ARG A 8 1.82 -0.77 10.12
CA ARG A 8 0.99 -0.27 9.04
C ARG A 8 1.09 1.25 8.94
N MET A 9 0.82 1.78 7.75
CA MET A 9 0.88 3.22 7.52
C MET A 9 0.40 3.57 6.12
N LYS A 10 0.57 4.83 5.73
CA LYS A 10 0.14 5.29 4.42
C LYS A 10 1.32 5.89 3.64
N LYS A 11 1.11 6.13 2.36
CA LYS A 11 2.15 6.71 1.51
C LYS A 11 1.57 7.76 0.57
N CYS A 12 2.37 8.76 0.24
CA CYS A 12 1.95 9.83 -0.65
C CYS A 12 1.83 9.33 -2.09
N PRO A 13 0.60 9.36 -2.62
CA PRO A 13 0.33 8.91 -4.00
C PRO A 13 0.92 9.86 -5.04
N LYS A 14 1.48 10.97 -4.58
CA LYS A 14 2.08 11.95 -5.48
C LYS A 14 3.59 11.75 -5.58
N CYS A 15 4.23 11.54 -4.44
CA CYS A 15 5.67 11.32 -4.40
C CYS A 15 6.00 9.85 -4.11
N GLY A 16 5.49 9.35 -2.98
CA GLY A 16 5.74 7.98 -2.60
C GLY A 16 6.43 7.86 -1.27
N LEU A 17 6.24 8.84 -0.41
CA LEU A 17 6.85 8.85 0.92
C LEU A 17 5.93 8.21 1.95
N TYR A 18 6.49 7.32 2.76
CA TYR A 18 5.71 6.63 3.79
C TYR A 18 5.62 7.47 5.05
N THR A 19 4.49 7.38 5.74
CA THR A 19 4.26 8.13 6.97
C THR A 19 2.94 7.76 7.61
N LEU A 20 2.67 8.34 8.78
CA LEU A 20 1.43 8.06 9.50
C LEU A 20 0.69 9.35 9.83
N LYS A 21 1.24 10.47 9.36
CA LYS A 21 0.63 11.78 9.60
C LYS A 21 -0.51 12.04 8.62
N GLU A 22 -0.72 11.10 7.72
CA GLU A 22 -1.79 11.22 6.71
C GLU A 22 -1.54 12.43 5.81
N ILE A 23 -0.35 13.00 5.92
CA ILE A 23 0.00 14.16 5.10
C ILE A 23 1.48 14.12 4.71
N CYS A 24 1.75 14.37 3.44
CA CYS A 24 3.13 14.38 2.94
C CYS A 24 3.88 15.62 3.39
N PRO A 25 4.91 15.43 4.23
CA PRO A 25 5.71 16.53 4.75
C PRO A 25 6.59 17.17 3.67
N LYS A 26 6.59 16.57 2.49
CA LYS A 26 7.38 17.08 1.37
C LYS A 26 6.60 18.15 0.60
N CYS A 27 5.46 17.75 0.06
CA CYS A 27 4.62 18.67 -0.70
C CYS A 27 3.40 19.09 0.10
N GLY A 28 2.81 18.15 0.83
CA GLY A 28 1.65 18.45 1.64
C GLY A 28 0.47 17.55 1.31
N GLU A 29 0.43 17.06 0.08
CA GLU A 29 -0.65 16.19 -0.36
C GLU A 29 -0.88 15.06 0.64
N LYS A 30 -2.15 14.83 0.98
CA LYS A 30 -2.51 13.78 1.93
C LYS A 30 -1.99 12.42 1.46
N THR A 31 -1.60 11.58 2.41
CA THR A 31 -1.08 10.26 2.11
C THR A 31 -2.19 9.22 2.11
N VAL A 32 -2.04 8.18 1.29
CA VAL A 32 -3.02 7.12 1.20
C VAL A 32 -2.38 5.75 1.35
N ILE A 33 -3.14 4.80 1.90
CA ILE A 33 -2.64 3.45 2.11
C ILE A 33 -2.26 2.79 0.78
N PRO A 34 -0.95 2.56 0.59
CA PRO A 34 -0.42 1.94 -0.63
C PRO A 34 -0.80 0.47 -0.73
N LYS A 35 -1.37 -0.07 0.33
CA LYS A 35 -1.78 -1.47 0.36
C LYS A 35 -3.25 -1.60 0.74
N PRO A 36 -4.14 -1.29 -0.21
CA PRO A 36 -5.59 -1.37 0.01
C PRO A 36 -6.09 -2.80 0.14
N PRO A 37 -7.34 -2.96 0.59
CA PRO A 37 -7.95 -4.28 0.77
C PRO A 37 -8.25 -4.97 -0.56
N LYS A 38 -8.94 -6.10 -0.49
CA LYS A 38 -9.28 -6.86 -1.69
C LYS A 38 -10.46 -6.22 -2.42
N PHE A 39 -10.46 -6.33 -3.74
CA PHE A 39 -11.53 -5.76 -4.56
C PHE A 39 -12.82 -6.54 -4.37
N SER A 40 -12.70 -7.85 -4.16
CA SER A 40 -13.86 -8.71 -3.97
C SER A 40 -13.90 -9.25 -2.54
N LEU A 41 -15.10 -9.60 -2.08
CA LEU A 41 -15.28 -10.14 -0.74
C LEU A 41 -14.65 -11.53 -0.62
N GLU A 42 -14.71 -12.29 -1.71
CA GLU A 42 -14.14 -13.63 -1.73
C GLU A 42 -13.58 -13.98 -3.11
N ASP A 43 -12.26 -14.00 -3.21
CA ASP A 43 -11.60 -14.30 -4.47
C ASP A 43 -11.00 -15.70 -4.44
N ARG A 44 -11.00 -16.37 -5.59
CA ARG A 44 -10.47 -17.72 -5.70
C ARG A 44 -8.97 -17.74 -5.37
N TRP A 45 -8.18 -17.08 -6.20
CA TRP A 45 -6.74 -17.01 -5.99
C TRP A 45 -6.32 -15.65 -5.45
N GLY A 46 -7.15 -14.64 -5.70
CA GLY A 46 -6.85 -13.30 -5.23
C GLY A 46 -5.67 -12.69 -5.95
N LYS A 47 -4.46 -12.99 -5.49
CA LYS A 47 -3.25 -12.45 -6.09
C LYS A 47 -3.23 -12.71 -7.60
N TYR A 48 -3.87 -13.80 -8.01
CA TYR A 48 -3.93 -14.17 -9.42
C TYR A 48 -4.55 -13.05 -10.24
N ARG A 49 -5.42 -12.26 -9.61
CA ARG A 49 -6.08 -11.17 -10.29
C ARG A 49 -5.06 -10.26 -10.99
N ARG A 50 -3.95 -9.98 -10.29
CA ARG A 50 -2.92 -9.12 -10.85
C ARG A 50 -2.23 -9.81 -12.02
N MET A 51 -1.95 -11.10 -11.89
CA MET A 51 -1.29 -11.86 -12.94
C MET A 51 -2.17 -11.93 -14.18
N LEU A 52 -3.47 -11.75 -14.00
CA LEU A 52 -4.42 -11.79 -15.10
C LEU A 52 -4.00 -10.83 -16.22
N LYS A 53 -3.31 -9.76 -15.84
CA LYS A 53 -2.84 -8.78 -16.80
C LYS A 53 -2.07 -9.44 -17.94
N ARG A 54 -2.50 -9.18 -19.17
CA ARG A 54 -1.85 -9.75 -20.35
C ARG A 54 -1.41 -8.66 -21.31
N ALA A 55 -0.64 -9.05 -22.33
CA ALA A 55 -0.15 -8.10 -23.32
C ALA A 55 -1.21 -7.84 -24.40
N LEU A 56 -2.01 -8.85 -24.68
CA LEU A 56 -3.06 -8.74 -25.70
C LEU A 56 -4.28 -8.03 -25.12
N LYS A 57 -4.58 -6.85 -25.67
CA LYS A 57 -5.72 -6.07 -25.22
C LYS A 57 -6.89 -6.20 -26.19
N ASN A 58 -8.05 -6.61 -25.67
CA ASN A 58 -9.24 -6.78 -26.48
C ASN A 58 -9.56 -5.51 -27.25
N LYS A 59 -10.18 -5.66 -28.43
CA LYS A 59 -10.55 -4.52 -29.26
C LYS A 59 -11.49 -3.59 -28.52
N ASN A 60 -11.58 -2.35 -28.98
CA ASN A 60 -12.45 -1.36 -28.35
C ASN A 60 -13.74 -1.19 -29.15
N LYS A 61 -14.87 -1.49 -28.50
CA LYS A 61 -16.18 -1.38 -29.16
C LYS A 61 -17.24 -0.99 -28.14
N ALA A 62 -17.97 0.08 -28.44
CA ALA A 62 -19.04 0.55 -27.56
C ALA A 62 -20.33 -0.23 -27.78
N GLU A 63 -21.01 -0.57 -26.70
CA GLU A 63 -22.26 -1.32 -26.78
C GLU A 63 -23.43 -0.47 -26.30
N GLY A 1 17.21 -4.07 3.42
CA GLY A 1 16.15 -4.24 2.45
C GLY A 1 14.78 -4.23 3.08
N SER A 2 13.93 -3.28 2.67
CA SER A 2 12.59 -3.16 3.21
C SER A 2 11.63 -4.09 2.47
N HIS A 3 10.67 -4.64 3.21
CA HIS A 3 9.68 -5.55 2.63
C HIS A 3 8.27 -5.14 3.03
N MET A 4 7.28 -5.74 2.38
CA MET A 4 5.89 -5.44 2.66
C MET A 4 5.57 -5.65 4.14
N VAL A 5 4.72 -4.79 4.69
CA VAL A 5 4.35 -4.88 6.10
C VAL A 5 2.95 -4.32 6.32
N GLU A 6 2.15 -5.03 7.11
CA GLU A 6 0.79 -4.61 7.41
C GLU A 6 0.76 -3.60 8.55
N MET A 7 0.42 -2.36 8.24
CA MET A 7 0.36 -1.30 9.24
C MET A 7 -0.51 -0.14 8.75
N ARG A 8 -0.99 0.66 9.69
CA ARG A 8 -1.84 1.81 9.36
C ARG A 8 -1.06 2.84 8.55
N MET A 9 0.26 2.71 8.54
CA MET A 9 1.12 3.63 7.80
C MET A 9 0.65 3.75 6.35
N LYS A 10 0.67 4.98 5.83
CA LYS A 10 0.24 5.24 4.46
C LYS A 10 1.40 5.81 3.64
N LYS A 11 1.14 6.03 2.35
CA LYS A 11 2.15 6.57 1.46
C LYS A 11 1.56 7.65 0.55
N CYS A 12 2.36 8.65 0.23
CA CYS A 12 1.91 9.74 -0.63
C CYS A 12 1.79 9.27 -2.07
N PRO A 13 0.55 9.31 -2.60
CA PRO A 13 0.28 8.88 -3.99
C PRO A 13 0.85 9.86 -5.01
N LYS A 14 1.41 10.96 -4.53
CA LYS A 14 2.00 11.96 -5.41
C LYS A 14 3.50 11.76 -5.53
N CYS A 15 4.15 11.47 -4.41
CA CYS A 15 5.59 11.26 -4.38
C CYS A 15 5.92 9.80 -4.09
N GLY A 16 5.43 9.30 -2.96
CA GLY A 16 5.69 7.93 -2.58
C GLY A 16 6.40 7.81 -1.25
N LEU A 17 6.21 8.80 -0.39
CA LEU A 17 6.83 8.82 0.92
C LEU A 17 5.93 8.16 1.97
N TYR A 18 6.51 7.31 2.80
CA TYR A 18 5.76 6.62 3.84
C TYR A 18 5.65 7.48 5.10
N THR A 19 4.51 7.40 5.77
CA THR A 19 4.28 8.17 6.99
C THR A 19 2.94 7.81 7.63
N LEU A 20 2.73 8.30 8.85
CA LEU A 20 1.49 8.04 9.57
C LEU A 20 0.75 9.32 9.88
N LYS A 21 1.29 10.44 9.43
CA LYS A 21 0.68 11.75 9.66
C LYS A 21 -0.47 11.99 8.69
N GLU A 22 -0.68 11.04 7.78
CA GLU A 22 -1.75 11.15 6.80
C GLU A 22 -1.52 12.33 5.87
N ILE A 23 -0.33 12.93 5.96
CA ILE A 23 0.02 14.07 5.12
C ILE A 23 1.49 14.03 4.73
N CYS A 24 1.76 14.33 3.47
CA CYS A 24 3.13 14.33 2.96
C CYS A 24 3.87 15.60 3.38
N PRO A 25 4.90 15.44 4.23
CA PRO A 25 5.69 16.56 4.72
C PRO A 25 6.57 17.18 3.64
N LYS A 26 6.59 16.54 2.47
CA LYS A 26 7.36 17.03 1.34
C LYS A 26 6.60 18.09 0.55
N CYS A 27 5.45 17.69 0.01
CA CYS A 27 4.62 18.61 -0.76
C CYS A 27 3.42 19.08 0.05
N GLY A 28 2.84 18.17 0.83
CA GLY A 28 1.70 18.51 1.65
C GLY A 28 0.49 17.64 1.36
N GLU A 29 0.43 17.10 0.14
CA GLU A 29 -0.68 16.24 -0.26
C GLU A 29 -0.90 15.13 0.77
N LYS A 30 -2.17 14.79 0.99
CA LYS A 30 -2.51 13.75 1.95
C LYS A 30 -2.01 12.39 1.47
N THR A 31 -1.59 11.56 2.41
CA THR A 31 -1.09 10.22 2.08
C THR A 31 -2.22 9.21 2.02
N VAL A 32 -2.04 8.17 1.21
CA VAL A 32 -3.05 7.13 1.05
C VAL A 32 -2.43 5.74 1.18
N ILE A 33 -3.27 4.75 1.47
CA ILE A 33 -2.80 3.38 1.61
C ILE A 33 -2.22 2.86 0.31
N PRO A 34 -0.90 2.60 0.31
CA PRO A 34 -0.19 2.10 -0.87
C PRO A 34 -0.56 0.65 -1.19
N LYS A 35 -0.52 -0.20 -0.17
CA LYS A 35 -0.85 -1.61 -0.34
C LYS A 35 -1.89 -2.06 0.68
N PRO A 36 -2.61 -3.13 0.36
CA PRO A 36 -3.65 -3.68 1.24
C PRO A 36 -3.06 -4.32 2.50
N PRO A 37 -3.93 -4.61 3.47
CA PRO A 37 -3.52 -5.23 4.74
C PRO A 37 -3.10 -6.68 4.57
N LYS A 38 -1.89 -6.99 5.04
CA LYS A 38 -1.36 -8.35 4.93
C LYS A 38 -1.98 -9.25 5.99
N PHE A 39 -2.61 -10.33 5.53
CA PHE A 39 -3.25 -11.28 6.44
C PHE A 39 -3.47 -12.63 5.75
N SER A 40 -2.64 -13.61 6.10
CA SER A 40 -2.76 -14.94 5.52
C SER A 40 -2.16 -15.99 6.45
N LEU A 41 -3.02 -16.80 7.05
CA LEU A 41 -2.58 -17.84 7.97
C LEU A 41 -2.36 -19.15 7.22
N GLU A 42 -3.11 -19.35 6.14
CA GLU A 42 -2.99 -20.56 5.34
C GLU A 42 -1.80 -20.47 4.39
N ASP A 43 -1.40 -19.25 4.06
CA ASP A 43 -0.27 -19.02 3.16
C ASP A 43 1.00 -19.66 3.72
N ARG A 44 1.33 -20.85 3.24
CA ARG A 44 2.52 -21.56 3.70
C ARG A 44 3.78 -20.84 3.25
N TRP A 45 3.78 -20.39 2.00
CA TRP A 45 4.93 -19.68 1.44
C TRP A 45 4.66 -18.18 1.35
N GLY A 46 3.38 -17.82 1.29
CA GLY A 46 3.01 -16.42 1.20
C GLY A 46 3.39 -15.80 -0.14
N LYS A 47 4.63 -15.34 -0.25
CA LYS A 47 5.11 -14.73 -1.47
C LYS A 47 4.83 -15.63 -2.68
N TYR A 48 4.83 -16.94 -2.44
CA TYR A 48 4.59 -17.91 -3.50
C TYR A 48 3.29 -17.58 -4.25
N ARG A 49 2.31 -17.08 -3.51
CA ARG A 49 1.02 -16.72 -4.11
C ARG A 49 1.20 -15.68 -5.21
N ARG A 50 2.02 -14.67 -4.92
CA ARG A 50 2.27 -13.59 -5.89
C ARG A 50 2.78 -14.16 -7.21
N MET A 51 3.64 -15.18 -7.12
CA MET A 51 4.20 -15.81 -8.30
C MET A 51 3.66 -17.24 -8.47
N LEU A 52 2.39 -17.43 -8.11
CA LEU A 52 1.76 -18.73 -8.22
C LEU A 52 1.41 -19.04 -9.68
N LYS A 53 1.39 -18.01 -10.51
CA LYS A 53 1.07 -18.17 -11.92
C LYS A 53 2.32 -18.47 -12.73
N ARG A 54 2.14 -18.88 -13.98
CA ARG A 54 3.26 -19.19 -14.86
C ARG A 54 3.35 -18.19 -16.00
N ALA A 55 2.21 -17.61 -16.37
CA ALA A 55 2.16 -16.63 -17.45
C ALA A 55 2.10 -15.20 -16.90
N LEU A 56 3.10 -14.40 -17.24
CA LEU A 56 3.16 -13.02 -16.78
C LEU A 56 4.04 -12.17 -17.69
N LYS A 57 3.54 -10.99 -18.06
CA LYS A 57 4.28 -10.09 -18.93
C LYS A 57 4.85 -8.91 -18.14
N ASN A 58 4.17 -8.55 -17.06
CA ASN A 58 4.60 -7.44 -16.22
C ASN A 58 5.71 -7.89 -15.27
N LYS A 59 6.93 -7.42 -15.54
CA LYS A 59 8.07 -7.76 -14.71
C LYS A 59 8.40 -6.63 -13.73
N ASN A 60 9.01 -6.98 -12.61
CA ASN A 60 9.38 -6.00 -11.59
C ASN A 60 10.50 -6.52 -10.70
N LYS A 61 11.70 -5.97 -10.89
CA LYS A 61 12.86 -6.39 -10.11
C LYS A 61 13.05 -5.47 -8.90
N ALA A 62 12.96 -4.16 -9.14
CA ALA A 62 13.12 -3.18 -8.06
C ALA A 62 12.11 -2.05 -8.20
N GLU A 63 11.85 -1.35 -7.10
CA GLU A 63 10.91 -0.24 -7.10
C GLU A 63 11.63 1.10 -6.98
N GLY A 1 8.39 -5.08 14.81
CA GLY A 1 9.76 -4.70 14.50
C GLY A 1 10.46 -5.75 13.65
N SER A 2 9.70 -6.50 12.88
CA SER A 2 10.25 -7.55 12.03
C SER A 2 9.97 -7.25 10.56
N HIS A 3 10.65 -7.99 9.67
CA HIS A 3 10.47 -7.80 8.23
C HIS A 3 9.27 -8.61 7.73
N MET A 4 9.07 -9.78 8.31
CA MET A 4 7.96 -10.64 7.92
C MET A 4 6.62 -9.95 8.15
N VAL A 5 6.56 -9.11 9.18
CA VAL A 5 5.35 -8.38 9.50
C VAL A 5 5.51 -6.88 9.25
N GLU A 6 4.39 -6.19 9.06
CA GLU A 6 4.41 -4.76 8.81
C GLU A 6 3.30 -4.05 9.59
N MET A 7 3.55 -2.81 9.97
CA MET A 7 2.57 -2.03 10.71
C MET A 7 1.73 -1.16 9.77
N ARG A 8 0.61 -0.66 10.27
CA ARG A 8 -0.28 0.17 9.47
C ARG A 8 0.37 1.52 9.16
N MET A 9 0.52 1.82 7.88
CA MET A 9 1.13 3.09 7.46
C MET A 9 0.63 3.49 6.08
N LYS A 10 0.68 4.79 5.80
CA LYS A 10 0.24 5.31 4.51
C LYS A 10 1.41 5.86 3.71
N LYS A 11 1.15 6.22 2.45
CA LYS A 11 2.19 6.76 1.58
C LYS A 11 1.60 7.76 0.60
N CYS A 12 2.40 8.76 0.24
CA CYS A 12 1.95 9.79 -0.70
C CYS A 12 1.86 9.23 -2.12
N PRO A 13 0.65 9.25 -2.69
CA PRO A 13 0.41 8.75 -4.04
C PRO A 13 1.02 9.64 -5.11
N LYS A 14 1.57 10.77 -4.69
CA LYS A 14 2.20 11.71 -5.60
C LYS A 14 3.70 11.51 -5.64
N CYS A 15 4.31 11.40 -4.48
CA CYS A 15 5.75 11.21 -4.38
C CYS A 15 6.09 9.76 -4.05
N GLY A 16 5.53 9.26 -2.95
CA GLY A 16 5.78 7.89 -2.55
C GLY A 16 6.49 7.79 -1.21
N LEU A 17 6.26 8.77 -0.35
CA LEU A 17 6.88 8.79 0.96
C LEU A 17 5.96 8.19 2.02
N TYR A 18 6.50 7.29 2.83
CA TYR A 18 5.74 6.63 3.88
C TYR A 18 5.63 7.52 5.11
N THR A 19 4.52 7.38 5.84
CA THR A 19 4.30 8.16 7.05
C THR A 19 3.02 7.74 7.76
N LEU A 20 2.71 8.41 8.85
CA LEU A 20 1.50 8.10 9.62
C LEU A 20 0.73 9.37 9.96
N LYS A 21 1.22 10.50 9.46
CA LYS A 21 0.58 11.79 9.71
C LYS A 21 -0.55 12.03 8.69
N GLU A 22 -0.78 11.05 7.83
CA GLU A 22 -1.83 11.16 6.83
C GLU A 22 -1.57 12.33 5.89
N ILE A 23 -0.36 12.87 5.95
CA ILE A 23 0.02 14.01 5.12
C ILE A 23 1.48 13.90 4.68
N CYS A 24 1.75 14.37 3.46
CA CYS A 24 3.11 14.33 2.93
C CYS A 24 3.87 15.61 3.27
N PRO A 25 4.91 15.46 4.10
CA PRO A 25 5.74 16.60 4.53
C PRO A 25 6.59 17.15 3.40
N LYS A 26 6.61 16.44 2.27
CA LYS A 26 7.38 16.86 1.11
C LYS A 26 6.65 17.94 0.32
N CYS A 27 5.46 17.59 -0.17
CA CYS A 27 4.66 18.52 -0.95
C CYS A 27 3.55 19.13 -0.09
N GLY A 28 2.93 18.30 0.74
CA GLY A 28 1.86 18.77 1.60
C GLY A 28 0.50 18.31 1.13
N GLU A 29 0.36 17.00 0.91
CA GLU A 29 -0.91 16.43 0.46
C GLU A 29 -1.28 15.21 1.29
N LYS A 30 -2.58 14.95 1.41
CA LYS A 30 -3.07 13.82 2.18
C LYS A 30 -2.55 12.51 1.59
N THR A 31 -1.85 11.73 2.41
CA THR A 31 -1.31 10.45 1.98
C THR A 31 -2.40 9.41 1.84
N VAL A 32 -2.08 8.31 1.15
CA VAL A 32 -3.03 7.23 0.95
C VAL A 32 -2.38 5.87 1.16
N ILE A 33 -3.20 4.88 1.52
CA ILE A 33 -2.69 3.53 1.75
C ILE A 33 -2.16 2.91 0.47
N PRO A 34 -0.84 2.69 0.43
CA PRO A 34 -0.17 2.09 -0.73
C PRO A 34 -0.53 0.62 -0.92
N LYS A 35 -0.42 -0.15 0.16
CA LYS A 35 -0.73 -1.58 0.12
C LYS A 35 -1.75 -1.94 1.20
N PRO A 36 -2.42 -3.09 1.01
CA PRO A 36 -3.43 -3.58 1.97
C PRO A 36 -2.80 -4.04 3.28
N PRO A 37 -3.65 -4.26 4.29
CA PRO A 37 -3.20 -4.71 5.61
C PRO A 37 -2.70 -6.15 5.60
N LYS A 38 -3.40 -7.01 4.87
CA LYS A 38 -3.02 -8.41 4.77
C LYS A 38 -3.43 -8.99 3.42
N PHE A 39 -2.68 -9.99 2.96
CA PHE A 39 -2.97 -10.62 1.67
C PHE A 39 -4.39 -11.16 1.64
N SER A 40 -4.64 -12.24 2.37
CA SER A 40 -5.96 -12.85 2.42
C SER A 40 -6.40 -13.30 1.03
N LEU A 41 -5.47 -13.87 0.28
CA LEU A 41 -5.76 -14.36 -1.07
C LEU A 41 -6.43 -15.73 -1.02
N GLU A 42 -6.18 -16.47 0.06
CA GLU A 42 -6.76 -17.80 0.21
C GLU A 42 -7.95 -17.76 1.18
N ASP A 43 -7.94 -16.76 2.06
CA ASP A 43 -9.01 -16.61 3.05
C ASP A 43 -10.38 -16.63 2.37
N ARG A 44 -11.33 -17.33 2.97
CA ARG A 44 -12.68 -17.43 2.43
C ARG A 44 -13.31 -16.04 2.28
N TRP A 45 -13.01 -15.16 3.23
CA TRP A 45 -13.55 -13.80 3.20
C TRP A 45 -12.57 -12.85 2.53
N GLY A 46 -11.66 -13.40 1.74
CA GLY A 46 -10.69 -12.56 1.04
C GLY A 46 -11.34 -11.45 0.25
N LYS A 47 -12.55 -11.71 -0.24
CA LYS A 47 -13.28 -10.71 -1.03
C LYS A 47 -14.09 -9.79 -0.13
N TYR A 48 -14.44 -10.29 1.06
CA TYR A 48 -15.22 -9.52 2.01
C TYR A 48 -14.56 -8.17 2.30
N ARG A 49 -13.23 -8.14 2.16
CA ARG A 49 -12.47 -6.92 2.40
C ARG A 49 -12.95 -5.79 1.48
N ARG A 50 -13.31 -6.14 0.26
CA ARG A 50 -13.78 -5.17 -0.71
C ARG A 50 -15.07 -4.50 -0.24
N MET A 51 -15.89 -5.26 0.49
CA MET A 51 -17.15 -4.74 1.01
C MET A 51 -16.94 -4.01 2.33
N LEU A 52 -15.86 -4.36 3.02
CA LEU A 52 -15.55 -3.73 4.31
C LEU A 52 -15.54 -2.22 4.18
N LYS A 53 -14.57 -1.70 3.44
CA LYS A 53 -14.45 -0.26 3.23
C LYS A 53 -15.53 0.26 2.28
N ARG A 54 -16.29 1.24 2.73
CA ARG A 54 -17.36 1.82 1.92
C ARG A 54 -16.92 3.13 1.30
N ALA A 55 -17.74 3.67 0.40
CA ALA A 55 -17.43 4.92 -0.28
C ALA A 55 -16.19 4.78 -1.15
N LEU A 56 -16.03 3.62 -1.77
CA LEU A 56 -14.88 3.36 -2.63
C LEU A 56 -15.04 4.07 -3.97
N LYS A 57 -16.29 4.22 -4.41
CA LYS A 57 -16.58 4.88 -5.68
C LYS A 57 -16.64 6.39 -5.50
N ASN A 58 -15.84 7.11 -6.28
CA ASN A 58 -15.80 8.57 -6.21
C ASN A 58 -15.16 9.15 -7.47
N LYS A 59 -15.41 10.44 -7.70
CA LYS A 59 -14.85 11.13 -8.86
C LYS A 59 -13.33 11.08 -8.85
N ASN A 60 -12.73 11.50 -9.96
CA ASN A 60 -11.27 11.50 -10.08
C ASN A 60 -10.79 12.80 -10.74
N LYS A 61 -9.49 13.05 -10.64
CA LYS A 61 -8.90 14.24 -11.22
C LYS A 61 -9.07 14.25 -12.74
N ALA A 62 -9.07 15.44 -13.33
CA ALA A 62 -9.21 15.58 -14.77
C ALA A 62 -7.96 15.10 -15.51
N GLU A 63 -6.80 15.39 -14.93
CA GLU A 63 -5.53 14.98 -15.53
C GLU A 63 -5.25 13.51 -15.25
N GLY A 1 10.41 6.19 10.41
CA GLY A 1 11.39 6.28 11.47
C GLY A 1 10.76 6.27 12.85
N SER A 2 10.53 5.08 13.39
CA SER A 2 9.93 4.94 14.70
C SER A 2 10.60 3.81 15.48
N HIS A 3 10.86 4.07 16.76
CA HIS A 3 11.49 3.08 17.63
C HIS A 3 10.73 1.76 17.60
N MET A 4 9.40 1.85 17.59
CA MET A 4 8.56 0.66 17.55
C MET A 4 8.38 0.16 16.13
N VAL A 5 8.17 -1.15 15.99
CA VAL A 5 7.98 -1.75 14.68
C VAL A 5 6.75 -1.17 13.97
N GLU A 6 6.84 -1.04 12.65
CA GLU A 6 5.75 -0.50 11.86
C GLU A 6 4.76 -1.59 11.48
N MET A 7 3.57 -1.54 12.07
CA MET A 7 2.53 -2.53 11.79
C MET A 7 1.73 -2.14 10.56
N ARG A 8 1.64 -0.84 10.30
CA ARG A 8 0.89 -0.34 9.15
C ARG A 8 1.05 1.18 9.02
N MET A 9 0.78 1.69 7.83
CA MET A 9 0.89 3.12 7.58
C MET A 9 0.39 3.47 6.17
N LYS A 10 0.63 4.70 5.74
CA LYS A 10 0.21 5.16 4.43
C LYS A 10 1.38 5.78 3.66
N LYS A 11 1.17 6.06 2.38
CA LYS A 11 2.20 6.65 1.54
C LYS A 11 1.60 7.70 0.62
N CYS A 12 2.39 8.71 0.28
CA CYS A 12 1.94 9.78 -0.61
C CYS A 12 1.84 9.29 -2.05
N PRO A 13 0.61 9.29 -2.58
CA PRO A 13 0.34 8.84 -3.96
C PRO A 13 0.92 9.80 -4.99
N LYS A 14 1.46 10.92 -4.54
CA LYS A 14 2.03 11.92 -5.43
C LYS A 14 3.54 11.72 -5.55
N CYS A 15 4.20 11.52 -4.42
CA CYS A 15 5.65 11.31 -4.41
C CYS A 15 5.99 9.85 -4.11
N GLY A 16 5.49 9.35 -2.98
CA GLY A 16 5.76 7.98 -2.60
C GLY A 16 6.47 7.88 -1.26
N LEU A 17 6.23 8.84 -0.39
CA LEU A 17 6.85 8.85 0.93
C LEU A 17 5.94 8.20 1.97
N TYR A 18 6.52 7.30 2.75
CA TYR A 18 5.76 6.60 3.79
C TYR A 18 5.67 7.44 5.06
N THR A 19 4.53 7.35 5.74
CA THR A 19 4.29 8.09 6.97
C THR A 19 2.97 7.71 7.60
N LEU A 20 2.66 8.34 8.74
CA LEU A 20 1.41 8.07 9.45
C LEU A 20 0.69 9.36 9.78
N LYS A 21 1.25 10.49 9.34
CA LYS A 21 0.66 11.78 9.59
C LYS A 21 -0.51 12.05 8.64
N GLU A 22 -0.74 11.12 7.72
CA GLU A 22 -1.82 11.26 6.75
C GLU A 22 -1.57 12.45 5.82
N ILE A 23 -0.38 13.02 5.92
CA ILE A 23 -0.03 14.17 5.09
C ILE A 23 1.46 14.14 4.71
N CYS A 24 1.74 14.38 3.43
CA CYS A 24 3.11 14.37 2.94
C CYS A 24 3.85 15.63 3.37
N PRO A 25 4.87 15.46 4.23
CA PRO A 25 5.67 16.58 4.73
C PRO A 25 6.55 17.20 3.66
N LYS A 26 6.56 16.58 2.48
CA LYS A 26 7.36 17.07 1.37
C LYS A 26 6.60 18.13 0.57
N CYS A 27 5.46 17.73 0.02
CA CYS A 27 4.63 18.64 -0.77
C CYS A 27 3.43 19.12 0.05
N GLY A 28 2.85 18.22 0.83
CA GLY A 28 1.70 18.57 1.64
C GLY A 28 0.49 17.70 1.35
N GLU A 29 0.43 17.19 0.13
CA GLU A 29 -0.69 16.33 -0.28
C GLU A 29 -0.92 15.22 0.74
N LYS A 30 -2.18 14.88 0.96
CA LYS A 30 -2.54 13.83 1.90
C LYS A 30 -2.02 12.48 1.43
N THR A 31 -1.63 11.64 2.39
CA THR A 31 -1.11 10.32 2.06
C THR A 31 -2.24 9.28 2.01
N VAL A 32 -2.01 8.21 1.26
CA VAL A 32 -3.01 7.15 1.13
C VAL A 32 -2.37 5.78 1.31
N ILE A 33 -3.16 4.84 1.80
CA ILE A 33 -2.68 3.48 2.02
C ILE A 33 -2.27 2.81 0.71
N PRO A 34 -0.96 2.56 0.57
CA PRO A 34 -0.41 1.93 -0.63
C PRO A 34 -0.80 0.46 -0.75
N LYS A 35 -1.63 0.16 -1.74
CA LYS A 35 -2.09 -1.21 -1.96
C LYS A 35 -0.90 -2.15 -2.14
N PRO A 36 -1.15 -3.46 -1.93
CA PRO A 36 -0.12 -4.49 -2.08
C PRO A 36 0.31 -4.69 -3.53
N PRO A 37 1.42 -5.42 -3.72
CA PRO A 37 1.96 -5.71 -5.06
C PRO A 37 1.07 -6.67 -5.85
N LYS A 38 0.59 -7.71 -5.17
CA LYS A 38 -0.27 -8.70 -5.81
C LYS A 38 -1.02 -9.53 -4.77
N PHE A 39 -1.67 -10.59 -5.21
CA PHE A 39 -2.42 -11.46 -4.32
C PHE A 39 -1.54 -11.96 -3.18
N SER A 40 -0.23 -12.07 -3.44
CA SER A 40 0.72 -12.52 -2.44
C SER A 40 1.48 -11.35 -1.84
N LEU A 41 2.31 -11.63 -0.85
CA LEU A 41 3.11 -10.60 -0.18
C LEU A 41 4.34 -10.26 -1.00
N GLU A 42 4.92 -11.27 -1.65
CA GLU A 42 6.12 -11.07 -2.47
C GLU A 42 6.12 -12.02 -3.66
N ASP A 43 6.10 -11.45 -4.86
CA ASP A 43 6.10 -12.24 -6.08
C ASP A 43 7.41 -12.07 -6.84
N ARG A 44 8.45 -11.66 -6.12
CA ARG A 44 9.77 -11.47 -6.73
C ARG A 44 10.37 -12.80 -7.16
N TRP A 45 10.71 -13.63 -6.19
CA TRP A 45 11.30 -14.94 -6.48
C TRP A 45 10.28 -16.05 -6.29
N GLY A 46 9.24 -15.76 -5.51
CA GLY A 46 8.21 -16.76 -5.26
C GLY A 46 8.70 -17.90 -4.40
N LYS A 47 9.30 -18.90 -5.04
CA LYS A 47 9.82 -20.05 -4.33
C LYS A 47 10.72 -19.63 -3.18
N TYR A 48 11.38 -18.49 -3.33
CA TYR A 48 12.28 -17.97 -2.32
C TYR A 48 11.54 -17.79 -0.98
N ARG A 49 10.25 -17.53 -1.06
CA ARG A 49 9.43 -17.34 0.13
C ARG A 49 9.61 -18.50 1.10
N ARG A 50 9.85 -19.69 0.56
CA ARG A 50 10.03 -20.88 1.37
C ARG A 50 11.08 -20.65 2.45
N MET A 51 12.33 -20.48 2.03
CA MET A 51 13.42 -20.25 2.97
C MET A 51 13.12 -19.05 3.87
N LEU A 52 12.31 -18.13 3.37
CA LEU A 52 11.93 -16.94 4.14
C LEU A 52 11.13 -17.31 5.37
N LYS A 53 10.37 -18.40 5.26
CA LYS A 53 9.55 -18.88 6.38
C LYS A 53 8.68 -17.75 6.93
N ARG A 54 8.08 -16.98 6.03
CA ARG A 54 7.22 -15.86 6.42
C ARG A 54 5.82 -16.37 6.79
N ALA A 55 5.34 -15.93 7.95
CA ALA A 55 4.01 -16.34 8.42
C ALA A 55 3.92 -17.85 8.57
N LEU A 56 5.02 -18.46 8.98
CA LEU A 56 5.07 -19.91 9.17
C LEU A 56 4.53 -20.30 10.54
N LYS A 57 4.75 -19.43 11.53
CA LYS A 57 4.29 -19.67 12.89
C LYS A 57 3.05 -18.84 13.20
N ASN A 58 2.96 -17.66 12.60
CA ASN A 58 1.84 -16.77 12.81
C ASN A 58 0.94 -16.71 11.57
N LYS A 59 -0.20 -16.06 11.70
CA LYS A 59 -1.14 -15.93 10.60
C LYS A 59 -1.54 -14.48 10.38
N ASN A 60 -1.16 -13.92 9.25
CA ASN A 60 -1.47 -12.53 8.92
C ASN A 60 -2.79 -12.43 8.15
N LYS A 61 -3.80 -11.89 8.80
CA LYS A 61 -5.12 -11.74 8.17
C LYS A 61 -5.75 -10.40 8.54
N ALA A 62 -6.43 -9.80 7.58
CA ALA A 62 -7.09 -8.51 7.81
C ALA A 62 -8.28 -8.67 8.75
N GLU A 63 -9.05 -9.73 8.55
CA GLU A 63 -10.23 -9.99 9.37
C GLU A 63 -9.91 -11.02 10.45
N GLY A 1 16.94 -10.14 9.92
CA GLY A 1 16.61 -8.91 9.23
C GLY A 1 15.13 -8.77 8.96
N SER A 2 14.47 -9.88 8.68
CA SER A 2 13.04 -9.87 8.41
C SER A 2 12.23 -9.98 9.70
N HIS A 3 12.91 -10.38 10.77
CA HIS A 3 12.25 -10.52 12.07
C HIS A 3 11.48 -9.26 12.45
N MET A 4 12.11 -8.11 12.19
CA MET A 4 11.48 -6.83 12.50
C MET A 4 10.33 -6.54 11.55
N VAL A 5 9.15 -6.27 12.12
CA VAL A 5 7.97 -5.98 11.33
C VAL A 5 7.72 -4.49 11.23
N GLU A 6 7.25 -4.04 10.07
CA GLU A 6 6.97 -2.62 9.85
C GLU A 6 5.51 -2.30 10.14
N MET A 7 5.28 -1.53 11.19
CA MET A 7 3.92 -1.14 11.56
C MET A 7 3.16 -0.55 10.38
N ARG A 8 1.87 -0.85 10.31
CA ARG A 8 1.04 -0.36 9.22
C ARG A 8 1.15 1.15 9.08
N MET A 9 0.88 1.66 7.88
CA MET A 9 0.96 3.08 7.62
C MET A 9 0.46 3.41 6.21
N LYS A 10 0.68 4.65 5.78
CA LYS A 10 0.26 5.08 4.45
C LYS A 10 1.41 5.69 3.68
N LYS A 11 1.17 6.05 2.43
CA LYS A 11 2.20 6.65 1.57
C LYS A 11 1.59 7.68 0.63
N CYS A 12 2.37 8.70 0.30
CA CYS A 12 1.90 9.76 -0.60
C CYS A 12 1.81 9.24 -2.03
N PRO A 13 0.58 9.23 -2.57
CA PRO A 13 0.32 8.76 -3.94
C PRO A 13 0.88 9.73 -4.99
N LYS A 14 1.39 10.86 -4.53
CA LYS A 14 1.96 11.86 -5.43
C LYS A 14 3.48 11.70 -5.54
N CYS A 15 4.13 11.50 -4.40
CA CYS A 15 5.57 11.33 -4.37
C CYS A 15 5.94 9.88 -4.07
N GLY A 16 5.46 9.38 -2.93
CA GLY A 16 5.74 8.01 -2.55
C GLY A 16 6.45 7.92 -1.21
N LEU A 17 6.19 8.90 -0.34
CA LEU A 17 6.80 8.93 0.98
C LEU A 17 5.90 8.27 2.01
N TYR A 18 6.49 7.37 2.80
CA TYR A 18 5.74 6.65 3.82
C TYR A 18 5.63 7.48 5.11
N THR A 19 4.49 7.37 5.78
CA THR A 19 4.26 8.11 7.01
C THR A 19 2.93 7.71 7.65
N LEU A 20 2.61 8.34 8.78
CA LEU A 20 1.37 8.06 9.48
C LEU A 20 0.65 9.35 9.84
N LYS A 21 1.18 10.47 9.39
CA LYS A 21 0.58 11.77 9.67
C LYS A 21 -0.56 12.05 8.70
N GLU A 22 -0.82 11.11 7.80
CA GLU A 22 -1.89 11.24 6.82
C GLU A 22 -1.63 12.42 5.89
N ILE A 23 -0.42 12.97 5.97
CA ILE A 23 -0.04 14.10 5.13
C ILE A 23 1.43 14.00 4.71
N CYS A 24 1.72 14.45 3.50
CA CYS A 24 3.08 14.41 2.97
C CYS A 24 3.82 15.71 3.30
N PRO A 25 4.82 15.59 4.19
CA PRO A 25 5.63 16.74 4.62
C PRO A 25 6.54 17.26 3.51
N LYS A 26 6.57 16.52 2.39
CA LYS A 26 7.41 16.91 1.26
C LYS A 26 6.70 17.95 0.40
N CYS A 27 5.54 17.59 -0.13
CA CYS A 27 4.77 18.49 -0.97
C CYS A 27 3.61 19.11 -0.19
N GLY A 28 3.01 18.31 0.69
CA GLY A 28 1.90 18.79 1.49
C GLY A 28 0.57 18.19 1.05
N GLU A 29 0.62 16.99 0.50
CA GLU A 29 -0.58 16.31 0.03
C GLU A 29 -0.90 15.12 0.90
N LYS A 30 -2.19 14.95 1.22
CA LYS A 30 -2.64 13.84 2.06
C LYS A 30 -2.09 12.51 1.54
N THR A 31 -1.74 11.63 2.47
CA THR A 31 -1.20 10.32 2.10
C THR A 31 -2.30 9.29 1.98
N VAL A 32 -2.03 8.21 1.26
CA VAL A 32 -3.01 7.14 1.07
C VAL A 32 -2.37 5.77 1.23
N ILE A 33 -3.17 4.79 1.62
CA ILE A 33 -2.68 3.43 1.80
C ILE A 33 -2.17 2.84 0.49
N PRO A 34 -0.85 2.61 0.41
CA PRO A 34 -0.21 2.04 -0.78
C PRO A 34 -0.58 0.59 -1.00
N LYS A 35 -1.44 0.34 -1.99
CA LYS A 35 -1.88 -1.02 -2.30
C LYS A 35 -0.68 -1.90 -2.65
N PRO A 36 -0.88 -3.23 -2.57
CA PRO A 36 0.16 -4.21 -2.87
C PRO A 36 0.50 -4.26 -4.35
N PRO A 37 1.61 -4.93 -4.70
CA PRO A 37 2.06 -5.07 -6.09
C PRO A 37 1.14 -5.97 -6.90
N LYS A 38 1.46 -6.11 -8.19
CA LYS A 38 0.67 -6.94 -9.09
C LYS A 38 1.31 -8.32 -9.25
N PHE A 39 0.57 -9.36 -8.90
CA PHE A 39 1.06 -10.72 -9.02
C PHE A 39 -0.08 -11.70 -9.33
N SER A 40 -0.15 -12.13 -10.59
CA SER A 40 -1.19 -13.04 -11.03
C SER A 40 -0.82 -13.68 -12.36
N LEU A 41 -1.64 -14.63 -12.80
CA LEU A 41 -1.41 -15.32 -14.06
C LEU A 41 -2.42 -14.88 -15.12
N GLU A 42 -3.62 -14.54 -14.67
CA GLU A 42 -4.68 -14.10 -15.59
C GLU A 42 -4.30 -12.79 -16.27
N ASP A 43 -3.56 -11.95 -15.56
CA ASP A 43 -3.13 -10.66 -16.09
C ASP A 43 -1.78 -10.79 -16.81
N ARG A 44 -1.81 -10.81 -18.13
CA ARG A 44 -0.60 -10.93 -18.93
C ARG A 44 0.32 -9.75 -18.70
N TRP A 45 -0.04 -8.60 -19.25
CA TRP A 45 0.77 -7.40 -19.11
C TRP A 45 0.21 -6.51 -17.99
N GLY A 46 -0.58 -7.10 -17.11
CA GLY A 46 -1.16 -6.35 -16.01
C GLY A 46 -0.12 -5.64 -15.17
N LYS A 47 1.08 -6.23 -15.10
CA LYS A 47 2.16 -5.64 -14.33
C LYS A 47 2.60 -4.31 -14.94
N TYR A 48 2.26 -4.09 -16.19
CA TYR A 48 2.62 -2.87 -16.89
C TYR A 48 2.17 -1.65 -16.10
N ARG A 49 1.05 -1.77 -15.39
CA ARG A 49 0.52 -0.68 -14.60
C ARG A 49 1.56 -0.19 -13.59
N ARG A 50 2.49 -1.06 -13.23
CA ARG A 50 3.53 -0.72 -12.28
C ARG A 50 4.72 -0.08 -12.98
N MET A 51 5.09 -0.63 -14.13
CA MET A 51 6.20 -0.11 -14.90
C MET A 51 5.72 0.74 -16.08
N LEU A 52 4.63 1.46 -15.85
CA LEU A 52 4.05 2.31 -16.90
C LEU A 52 5.01 3.45 -17.25
N LYS A 53 5.86 3.82 -16.30
CA LYS A 53 6.83 4.89 -16.52
C LYS A 53 8.15 4.33 -17.02
N ARG A 54 8.72 4.98 -18.04
CA ARG A 54 9.99 4.54 -18.61
C ARG A 54 11.15 5.41 -18.10
N ALA A 55 11.01 5.91 -16.87
CA ALA A 55 12.04 6.74 -16.27
C ALA A 55 13.16 5.89 -15.68
N LEU A 56 12.78 4.86 -14.92
CA LEU A 56 13.75 3.97 -14.30
C LEU A 56 14.17 2.87 -15.26
N LYS A 57 15.47 2.57 -15.29
CA LYS A 57 15.99 1.53 -16.16
C LYS A 57 16.71 0.45 -15.35
N ASN A 58 16.49 -0.81 -15.72
CA ASN A 58 17.12 -1.94 -15.02
C ASN A 58 18.55 -2.13 -15.49
N LYS A 59 19.50 -1.88 -14.60
CA LYS A 59 20.91 -2.03 -14.92
C LYS A 59 21.46 -3.33 -14.34
N ASN A 60 20.75 -3.88 -13.36
CA ASN A 60 21.18 -5.12 -12.71
C ASN A 60 20.58 -6.33 -13.42
N LYS A 61 21.23 -7.48 -13.28
CA LYS A 61 20.78 -8.71 -13.91
C LYS A 61 20.31 -9.71 -12.85
N ALA A 62 19.04 -10.07 -12.91
CA ALA A 62 18.46 -11.02 -11.96
C ALA A 62 17.99 -12.28 -12.67
N GLU A 63 18.02 -13.41 -11.97
CA GLU A 63 17.59 -14.68 -12.53
C GLU A 63 16.22 -15.08 -11.99
N GLY A 1 15.08 -5.69 21.17
CA GLY A 1 15.32 -4.83 20.03
C GLY A 1 14.04 -4.29 19.42
N SER A 2 13.50 -5.02 18.45
CA SER A 2 12.27 -4.60 17.78
C SER A 2 11.07 -5.33 18.37
N HIS A 3 10.05 -4.56 18.77
CA HIS A 3 8.84 -5.13 19.35
C HIS A 3 7.63 -4.86 18.45
N MET A 4 7.72 -3.80 17.65
CA MET A 4 6.64 -3.44 16.75
C MET A 4 6.22 -4.63 15.88
N VAL A 5 4.96 -5.02 15.97
CA VAL A 5 4.45 -6.14 15.20
C VAL A 5 3.16 -5.76 14.47
N GLU A 6 2.99 -6.30 13.27
CA GLU A 6 1.80 -6.03 12.48
C GLU A 6 1.62 -4.52 12.28
N MET A 7 2.73 -3.80 12.14
CA MET A 7 2.68 -2.36 11.95
C MET A 7 1.85 -1.99 10.74
N ARG A 8 1.71 -0.70 10.50
CA ARG A 8 0.93 -0.22 9.35
C ARG A 8 1.11 1.29 9.17
N MET A 9 0.83 1.78 7.96
CA MET A 9 0.96 3.20 7.67
C MET A 9 0.45 3.50 6.26
N LYS A 10 0.69 4.73 5.81
CA LYS A 10 0.26 5.14 4.48
C LYS A 10 1.43 5.73 3.69
N LYS A 11 1.16 6.11 2.44
CA LYS A 11 2.19 6.69 1.58
C LYS A 11 1.58 7.72 0.64
N CYS A 12 2.37 8.74 0.29
CA CYS A 12 1.90 9.79 -0.61
C CYS A 12 1.80 9.28 -2.04
N PRO A 13 0.56 9.28 -2.57
CA PRO A 13 0.29 8.82 -3.94
C PRO A 13 0.86 9.76 -4.99
N LYS A 14 1.40 10.89 -4.54
CA LYS A 14 1.97 11.89 -5.45
C LYS A 14 3.48 11.69 -5.56
N CYS A 15 4.13 11.51 -4.41
CA CYS A 15 5.59 11.32 -4.39
C CYS A 15 5.94 9.86 -4.09
N GLY A 16 5.43 9.35 -2.96
CA GLY A 16 5.71 7.98 -2.59
C GLY A 16 6.43 7.87 -1.26
N LEU A 17 6.18 8.84 -0.38
CA LEU A 17 6.81 8.85 0.93
C LEU A 17 5.90 8.22 1.98
N TYR A 18 6.46 7.31 2.77
CA TYR A 18 5.69 6.63 3.81
C TYR A 18 5.62 7.48 5.08
N THR A 19 4.50 7.39 5.78
CA THR A 19 4.30 8.15 7.01
C THR A 19 3.00 7.77 7.69
N LEU A 20 2.71 8.42 8.82
CA LEU A 20 1.50 8.14 9.57
C LEU A 20 0.76 9.43 9.90
N LYS A 21 1.28 10.55 9.41
CA LYS A 21 0.67 11.86 9.66
C LYS A 21 -0.49 12.09 8.70
N GLU A 22 -0.73 11.12 7.82
CA GLU A 22 -1.82 11.23 6.86
C GLU A 22 -1.57 12.38 5.87
N ILE A 23 -0.38 12.96 5.95
CA ILE A 23 -0.01 14.07 5.07
C ILE A 23 1.46 13.99 4.68
N CYS A 24 1.75 14.36 3.45
CA CYS A 24 3.12 14.35 2.94
C CYS A 24 3.86 15.61 3.36
N PRO A 25 4.87 15.45 4.23
CA PRO A 25 5.68 16.57 4.72
C PRO A 25 6.59 17.15 3.65
N LYS A 26 6.59 16.51 2.48
CA LYS A 26 7.42 16.97 1.37
C LYS A 26 6.68 18.02 0.54
N CYS A 27 5.54 17.62 -0.03
CA CYS A 27 4.74 18.53 -0.84
C CYS A 27 3.57 19.08 -0.05
N GLY A 28 3.00 18.24 0.81
CA GLY A 28 1.87 18.67 1.62
C GLY A 28 0.55 18.13 1.11
N GLU A 29 0.59 16.94 0.50
CA GLU A 29 -0.60 16.31 -0.03
C GLU A 29 -1.00 15.11 0.81
N LYS A 30 -2.30 14.95 1.03
CA LYS A 30 -2.83 13.84 1.82
C LYS A 30 -2.27 12.51 1.33
N THR A 31 -1.87 11.66 2.27
CA THR A 31 -1.32 10.35 1.93
C THR A 31 -2.42 9.29 1.84
N VAL A 32 -2.11 8.18 1.18
CA VAL A 32 -3.06 7.09 1.03
C VAL A 32 -2.40 5.74 1.21
N ILE A 33 -3.17 4.74 1.61
CA ILE A 33 -2.65 3.40 1.82
C ILE A 33 -2.14 2.81 0.51
N PRO A 34 -0.82 2.60 0.44
CA PRO A 34 -0.17 2.03 -0.75
C PRO A 34 -0.51 0.56 -0.94
N LYS A 35 -1.13 0.23 -2.07
CA LYS A 35 -1.51 -1.14 -2.37
C LYS A 35 -1.06 -1.53 -3.77
N PRO A 36 0.25 -1.77 -3.93
CA PRO A 36 0.83 -2.17 -5.22
C PRO A 36 0.41 -3.57 -5.65
N PRO A 37 0.68 -3.90 -6.92
CA PRO A 37 0.34 -5.22 -7.48
C PRO A 37 1.20 -6.33 -6.90
N LYS A 38 0.96 -7.55 -7.37
CA LYS A 38 1.72 -8.71 -6.89
C LYS A 38 3.08 -8.78 -7.55
N PHE A 39 4.12 -8.89 -6.73
CA PHE A 39 5.49 -8.96 -7.23
C PHE A 39 5.67 -10.14 -8.17
N SER A 40 5.66 -9.86 -9.48
CA SER A 40 5.81 -10.91 -10.48
C SER A 40 6.93 -10.57 -11.46
N LEU A 41 8.03 -11.31 -11.38
CA LEU A 41 9.17 -11.08 -12.24
C LEU A 41 8.83 -11.41 -13.70
N GLU A 42 7.90 -12.34 -13.88
CA GLU A 42 7.47 -12.74 -15.22
C GLU A 42 6.06 -12.24 -15.51
N ASP A 43 5.22 -12.18 -14.48
CA ASP A 43 3.85 -11.71 -14.63
C ASP A 43 3.13 -12.49 -15.72
N ARG A 44 3.38 -13.80 -15.78
CA ARG A 44 2.76 -14.65 -16.79
C ARG A 44 1.23 -14.61 -16.66
N TRP A 45 0.74 -14.68 -15.43
CA TRP A 45 -0.70 -14.65 -15.18
C TRP A 45 -1.14 -13.29 -14.66
N GLY A 46 -0.30 -12.27 -14.90
CA GLY A 46 -0.62 -10.93 -14.45
C GLY A 46 -2.01 -10.48 -14.87
N LYS A 47 -2.46 -10.99 -16.01
CA LYS A 47 -3.78 -10.63 -16.54
C LYS A 47 -4.85 -11.57 -15.99
N TYR A 48 -4.45 -12.81 -15.69
CA TYR A 48 -5.38 -13.79 -15.16
C TYR A 48 -6.12 -13.26 -13.94
N ARG A 49 -5.46 -12.38 -13.19
CA ARG A 49 -6.05 -11.78 -12.00
C ARG A 49 -7.34 -11.05 -12.34
N ARG A 50 -7.21 -9.98 -13.12
CA ARG A 50 -8.38 -9.18 -13.53
C ARG A 50 -9.42 -10.07 -14.20
N MET A 51 -8.97 -11.02 -15.01
CA MET A 51 -9.86 -11.92 -15.71
C MET A 51 -10.66 -12.77 -14.73
N LEU A 52 -10.11 -12.96 -13.54
CA LEU A 52 -10.77 -13.76 -12.51
C LEU A 52 -11.81 -12.93 -11.77
N LYS A 53 -11.68 -11.61 -11.84
CA LYS A 53 -12.62 -10.70 -11.19
C LYS A 53 -13.03 -9.57 -12.13
N ARG A 54 -14.25 -9.67 -12.66
CA ARG A 54 -14.77 -8.65 -13.57
C ARG A 54 -15.92 -7.88 -12.94
N ALA A 55 -16.62 -8.54 -12.00
CA ALA A 55 -17.75 -7.92 -11.33
C ALA A 55 -17.31 -7.25 -10.03
N LEU A 56 -16.72 -8.04 -9.14
CA LEU A 56 -16.24 -7.53 -7.85
C LEU A 56 -15.03 -6.64 -8.04
N LYS A 57 -15.16 -5.38 -7.64
CA LYS A 57 -14.06 -4.42 -7.76
C LYS A 57 -13.71 -3.82 -6.39
N ASN A 58 -12.41 -3.71 -6.12
CA ASN A 58 -11.95 -3.16 -4.85
C ASN A 58 -11.84 -1.64 -4.93
N LYS A 59 -12.64 -0.95 -4.12
CA LYS A 59 -12.65 0.51 -4.09
C LYS A 59 -11.57 1.03 -3.15
N ASN A 60 -11.29 2.33 -3.24
CA ASN A 60 -10.29 2.96 -2.39
C ASN A 60 -10.91 3.47 -1.10
N LYS A 61 -10.46 2.91 0.02
CA LYS A 61 -10.97 3.31 1.33
C LYS A 61 -10.17 4.48 1.90
N ALA A 62 -10.61 4.99 3.04
CA ALA A 62 -9.94 6.12 3.67
C ALA A 62 -8.72 5.66 4.46
N GLU A 63 -8.95 4.80 5.46
CA GLU A 63 -7.87 4.28 6.28
C GLU A 63 -7.34 2.97 5.72
N GLY A 1 11.05 4.76 21.35
CA GLY A 1 10.87 3.42 20.83
C GLY A 1 9.45 3.16 20.37
N SER A 2 9.30 2.22 19.43
CA SER A 2 7.99 1.89 18.89
C SER A 2 8.04 0.57 18.12
N HIS A 3 6.88 -0.07 17.99
CA HIS A 3 6.79 -1.34 17.28
C HIS A 3 6.56 -1.11 15.78
N MET A 4 7.57 -1.44 14.98
CA MET A 4 7.48 -1.27 13.54
C MET A 4 6.83 -2.49 12.88
N VAL A 5 6.97 -3.64 13.53
CA VAL A 5 6.40 -4.88 13.01
C VAL A 5 4.87 -4.86 13.10
N GLU A 6 4.22 -5.25 12.02
CA GLU A 6 2.76 -5.28 11.97
C GLU A 6 2.18 -3.95 12.42
N MET A 7 2.57 -2.87 11.74
CA MET A 7 2.07 -1.54 12.07
C MET A 7 1.52 -0.84 10.84
N ARG A 8 0.28 -0.36 10.94
CA ARG A 8 -0.37 0.32 9.83
C ARG A 8 0.45 1.52 9.38
N MET A 9 0.24 1.94 8.13
CA MET A 9 0.97 3.08 7.58
C MET A 9 0.45 3.44 6.19
N LYS A 10 0.70 4.66 5.76
CA LYS A 10 0.27 5.12 4.44
C LYS A 10 1.42 5.75 3.67
N LYS A 11 1.17 6.07 2.41
CA LYS A 11 2.20 6.68 1.57
C LYS A 11 1.58 7.71 0.63
N CYS A 12 2.36 8.74 0.29
CA CYS A 12 1.89 9.80 -0.60
C CYS A 12 1.79 9.28 -2.04
N PRO A 13 0.55 9.29 -2.58
CA PRO A 13 0.29 8.83 -3.94
C PRO A 13 0.86 9.79 -4.99
N LYS A 14 1.39 10.91 -4.53
CA LYS A 14 1.97 11.90 -5.43
C LYS A 14 3.48 11.72 -5.54
N CYS A 15 4.12 11.52 -4.40
CA CYS A 15 5.58 11.32 -4.38
C CYS A 15 5.93 9.88 -4.05
N GLY A 16 5.43 9.39 -2.93
CA GLY A 16 5.70 8.02 -2.53
C GLY A 16 6.43 7.94 -1.20
N LEU A 17 6.13 8.86 -0.30
CA LEU A 17 6.76 8.90 1.02
C LEU A 17 5.87 8.23 2.07
N TYR A 18 6.46 7.32 2.83
CA TYR A 18 5.72 6.62 3.87
C TYR A 18 5.64 7.45 5.14
N THR A 19 4.51 7.34 5.84
CA THR A 19 4.30 8.09 7.08
C THR A 19 2.98 7.71 7.73
N LEU A 20 2.69 8.34 8.87
CA LEU A 20 1.45 8.07 9.60
C LEU A 20 0.71 9.37 9.90
N LYS A 21 1.28 10.49 9.47
CA LYS A 21 0.68 11.79 9.71
C LYS A 21 -0.48 12.03 8.74
N GLU A 22 -0.69 11.09 7.84
CA GLU A 22 -1.76 11.20 6.85
C GLU A 22 -1.52 12.37 5.91
N ILE A 23 -0.33 12.96 6.01
CA ILE A 23 0.03 14.10 5.16
C ILE A 23 1.49 14.01 4.72
N CYS A 24 1.76 14.43 3.50
CA CYS A 24 3.11 14.40 2.96
C CYS A 24 3.85 15.69 3.30
N PRO A 25 4.87 15.58 4.17
CA PRO A 25 5.69 16.71 4.60
C PRO A 25 6.58 17.24 3.49
N LYS A 26 6.59 16.53 2.36
CA LYS A 26 7.40 16.94 1.22
C LYS A 26 6.69 17.99 0.38
N CYS A 27 5.51 17.63 -0.12
CA CYS A 27 4.72 18.54 -0.93
C CYS A 27 3.55 19.11 -0.15
N GLY A 28 2.96 18.28 0.72
CA GLY A 28 1.84 18.72 1.53
C GLY A 28 0.53 18.13 1.06
N GLU A 29 0.59 16.94 0.46
CA GLU A 29 -0.61 16.27 -0.03
C GLU A 29 -0.96 15.07 0.85
N LYS A 30 -2.25 14.89 1.11
CA LYS A 30 -2.72 13.79 1.93
C LYS A 30 -2.16 12.46 1.43
N THR A 31 -1.78 11.59 2.37
CA THR A 31 -1.23 10.29 2.02
C THR A 31 -2.32 9.23 1.94
N VAL A 32 -2.07 8.18 1.17
CA VAL A 32 -3.03 7.10 1.01
C VAL A 32 -2.37 5.74 1.16
N ILE A 33 -3.16 4.75 1.56
CA ILE A 33 -2.64 3.39 1.75
C ILE A 33 -2.12 2.82 0.44
N PRO A 34 -0.80 2.62 0.36
CA PRO A 34 -0.15 2.07 -0.83
C PRO A 34 -0.49 0.59 -1.05
N LYS A 35 -1.11 -0.01 -0.05
CA LYS A 35 -1.48 -1.43 -0.12
C LYS A 35 -2.91 -1.58 -0.64
N PRO A 36 -3.23 -2.77 -1.16
CA PRO A 36 -4.56 -3.07 -1.69
C PRO A 36 -5.62 -3.17 -0.59
N PRO A 37 -6.89 -3.20 -0.99
CA PRO A 37 -8.02 -3.29 -0.05
C PRO A 37 -8.10 -4.66 0.61
N LYS A 38 -7.87 -5.71 -0.17
CA LYS A 38 -7.92 -7.07 0.35
C LYS A 38 -6.96 -7.25 1.52
N PHE A 39 -5.86 -6.48 1.50
CA PHE A 39 -4.87 -6.56 2.56
C PHE A 39 -5.52 -6.38 3.93
N SER A 40 -5.69 -7.47 4.65
CA SER A 40 -6.30 -7.44 5.97
C SER A 40 -5.72 -8.53 6.86
N LEU A 41 -6.01 -8.44 8.16
CA LEU A 41 -5.52 -9.42 9.12
C LEU A 41 -5.91 -10.84 8.71
N GLU A 42 -7.00 -10.95 7.96
CA GLU A 42 -7.47 -12.26 7.50
C GLU A 42 -7.81 -12.22 6.01
N ASP A 43 -7.41 -13.26 5.30
CA ASP A 43 -7.68 -13.34 3.86
C ASP A 43 -8.10 -14.75 3.47
N ARG A 44 -9.25 -14.86 2.81
CA ARG A 44 -9.77 -16.14 2.38
C ARG A 44 -8.80 -16.84 1.42
N TRP A 45 -8.02 -16.03 0.70
CA TRP A 45 -7.05 -16.56 -0.25
C TRP A 45 -5.65 -16.57 0.35
N GLY A 46 -5.58 -16.53 1.68
CA GLY A 46 -4.30 -16.53 2.36
C GLY A 46 -3.41 -17.68 1.92
N LYS A 47 -4.03 -18.80 1.57
CA LYS A 47 -3.29 -19.97 1.13
C LYS A 47 -3.05 -19.93 -0.37
N TYR A 48 -3.92 -19.23 -1.10
CA TYR A 48 -3.80 -19.12 -2.54
C TYR A 48 -2.43 -18.60 -2.93
N ARG A 49 -1.82 -17.84 -2.03
CA ARG A 49 -0.49 -17.28 -2.29
C ARG A 49 0.49 -18.36 -2.73
N ARG A 50 0.26 -19.58 -2.25
CA ARG A 50 1.13 -20.70 -2.59
C ARG A 50 1.20 -20.90 -4.10
N MET A 51 0.11 -20.58 -4.78
CA MET A 51 0.04 -20.72 -6.23
C MET A 51 0.27 -19.38 -6.92
N LEU A 52 -0.13 -18.30 -6.26
CA LEU A 52 0.04 -16.96 -6.80
C LEU A 52 1.49 -16.71 -7.20
N LYS A 53 2.41 -17.38 -6.51
CA LYS A 53 3.83 -17.23 -6.79
C LYS A 53 4.18 -17.80 -8.16
N ARG A 54 4.31 -16.92 -9.15
CA ARG A 54 4.64 -17.34 -10.51
C ARG A 54 6.02 -17.99 -10.55
N ALA A 55 7.06 -17.17 -10.44
CA ALA A 55 8.43 -17.67 -10.47
C ALA A 55 9.36 -16.75 -9.69
N LEU A 56 9.88 -17.25 -8.57
CA LEU A 56 10.77 -16.47 -7.73
C LEU A 56 10.12 -15.17 -7.27
N LYS A 57 8.82 -15.25 -6.95
CA LYS A 57 8.08 -14.09 -6.51
C LYS A 57 8.19 -13.93 -4.99
N ASN A 58 8.27 -15.05 -4.29
CA ASN A 58 8.38 -15.03 -2.83
C ASN A 58 9.02 -16.32 -2.32
N LYS A 59 10.20 -16.18 -1.72
CA LYS A 59 10.92 -17.33 -1.19
C LYS A 59 10.17 -17.94 -0.01
N ASN A 60 10.15 -19.27 0.04
CA ASN A 60 9.47 -19.97 1.13
C ASN A 60 9.94 -19.47 2.48
N LYS A 61 11.24 -19.55 2.73
CA LYS A 61 11.81 -19.10 3.99
C LYS A 61 13.15 -18.41 3.76
N ALA A 62 13.50 -17.49 4.66
CA ALA A 62 14.75 -16.77 4.56
C ALA A 62 15.94 -17.68 4.78
N GLU A 63 15.82 -18.60 5.74
CA GLU A 63 16.89 -19.53 6.04
C GLU A 63 17.30 -20.31 4.80
N GLY A 1 0.33 -14.97 -6.37
CA GLY A 1 -0.60 -13.92 -6.02
C GLY A 1 -1.15 -14.07 -4.61
N SER A 2 -0.28 -14.40 -3.67
CA SER A 2 -0.67 -14.58 -2.28
C SER A 2 -1.06 -13.24 -1.66
N HIS A 3 -2.32 -13.15 -1.22
CA HIS A 3 -2.83 -11.93 -0.60
C HIS A 3 -2.11 -11.65 0.72
N MET A 4 -1.88 -10.38 1.01
CA MET A 4 -1.21 -9.98 2.23
C MET A 4 -2.13 -9.15 3.12
N VAL A 5 -1.66 -8.80 4.30
CA VAL A 5 -2.44 -8.00 5.24
C VAL A 5 -2.18 -6.51 5.05
N GLU A 6 -3.21 -5.70 5.29
CA GLU A 6 -3.09 -4.26 5.15
C GLU A 6 -2.05 -3.70 6.10
N MET A 7 -1.83 -2.39 6.04
CA MET A 7 -0.86 -1.72 6.91
C MET A 7 -1.42 -0.39 7.42
N ARG A 8 -1.21 -0.14 8.71
CA ARG A 8 -1.69 1.10 9.33
C ARG A 8 -1.02 2.32 8.70
N MET A 9 0.23 2.14 8.28
CA MET A 9 0.99 3.22 7.65
C MET A 9 0.48 3.50 6.24
N LYS A 10 0.74 4.71 5.75
CA LYS A 10 0.31 5.11 4.42
C LYS A 10 1.47 5.73 3.64
N LYS A 11 1.22 6.04 2.37
CA LYS A 11 2.24 6.64 1.52
C LYS A 11 1.63 7.69 0.60
N CYS A 12 2.40 8.70 0.26
CA CYS A 12 1.94 9.77 -0.62
C CYS A 12 1.81 9.28 -2.05
N PRO A 13 0.57 9.30 -2.57
CA PRO A 13 0.29 8.86 -3.94
C PRO A 13 0.86 9.81 -4.99
N LYS A 14 1.40 10.93 -4.53
CA LYS A 14 1.98 11.92 -5.43
C LYS A 14 3.49 11.73 -5.55
N CYS A 15 4.14 11.48 -4.42
CA CYS A 15 5.59 11.28 -4.40
C CYS A 15 5.93 9.83 -4.10
N GLY A 16 5.44 9.32 -2.97
CA GLY A 16 5.70 7.95 -2.59
C GLY A 16 6.44 7.84 -1.27
N LEU A 17 6.18 8.80 -0.38
CA LEU A 17 6.83 8.80 0.93
C LEU A 17 5.92 8.18 1.99
N TYR A 18 6.49 7.26 2.77
CA TYR A 18 5.73 6.59 3.82
C TYR A 18 5.63 7.46 5.07
N THR A 19 4.49 7.37 5.76
CA THR A 19 4.27 8.15 6.97
C THR A 19 2.95 7.78 7.62
N LEU A 20 2.69 8.35 8.79
CA LEU A 20 1.46 8.08 9.52
C LEU A 20 0.72 9.38 9.85
N LYS A 21 1.26 10.50 9.38
CA LYS A 21 0.66 11.80 9.62
C LYS A 21 -0.49 12.04 8.65
N GLU A 22 -0.71 11.10 7.73
CA GLU A 22 -1.77 11.22 6.74
C GLU A 22 -1.53 12.41 5.83
N ILE A 23 -0.35 13.00 5.92
CA ILE A 23 0.01 14.15 5.10
C ILE A 23 1.49 14.11 4.71
N CYS A 24 1.76 14.37 3.43
CA CYS A 24 3.13 14.36 2.93
C CYS A 24 3.88 15.62 3.38
N PRO A 25 4.90 15.43 4.21
CA PRO A 25 5.71 16.54 4.72
C PRO A 25 6.57 17.17 3.65
N LYS A 26 6.57 16.57 2.46
CA LYS A 26 7.35 17.08 1.35
C LYS A 26 6.57 18.14 0.56
N CYS A 27 5.44 17.72 -0.01
CA CYS A 27 4.60 18.63 -0.79
C CYS A 27 3.40 19.10 0.04
N GLY A 28 2.85 18.20 0.85
CA GLY A 28 1.71 18.54 1.67
C GLY A 28 0.50 17.67 1.38
N GLU A 29 0.42 17.17 0.15
CA GLU A 29 -0.69 16.33 -0.26
C GLU A 29 -0.92 15.20 0.75
N LYS A 30 -2.19 14.88 0.99
CA LYS A 30 -2.54 13.82 1.93
C LYS A 30 -2.04 12.48 1.44
N THR A 31 -1.61 11.64 2.37
CA THR A 31 -1.10 10.31 2.04
C THR A 31 -2.23 9.29 1.97
N VAL A 32 -1.99 8.20 1.25
CA VAL A 32 -2.99 7.14 1.10
C VAL A 32 -2.36 5.76 1.26
N ILE A 33 -3.17 4.79 1.65
CA ILE A 33 -2.70 3.43 1.83
C ILE A 33 -2.20 2.83 0.52
N PRO A 34 -0.88 2.58 0.44
CA PRO A 34 -0.26 2.02 -0.76
C PRO A 34 -0.63 0.56 -0.97
N LYS A 35 -1.77 0.33 -1.61
CA LYS A 35 -2.25 -1.02 -1.88
C LYS A 35 -1.26 -1.77 -2.77
N PRO A 36 -1.36 -3.11 -2.76
CA PRO A 36 -0.50 -3.97 -3.57
C PRO A 36 -0.78 -3.87 -5.06
N PRO A 37 0.12 -4.42 -5.88
CA PRO A 37 -0.02 -4.40 -7.34
C PRO A 37 -1.15 -5.29 -7.83
N LYS A 38 -1.33 -5.34 -9.14
CA LYS A 38 -2.39 -6.16 -9.74
C LYS A 38 -2.10 -7.64 -9.55
N PHE A 39 -3.14 -8.45 -9.57
CA PHE A 39 -2.99 -9.89 -9.40
C PHE A 39 -3.31 -10.63 -10.70
N SER A 40 -4.18 -10.03 -11.52
CA SER A 40 -4.56 -10.63 -12.79
C SER A 40 -4.39 -9.64 -13.93
N LEU A 41 -4.41 -10.14 -15.17
CA LEU A 41 -4.26 -9.30 -16.34
C LEU A 41 -5.36 -8.25 -16.41
N GLU A 42 -6.51 -8.57 -15.82
CA GLU A 42 -7.64 -7.66 -15.80
C GLU A 42 -8.08 -7.34 -14.37
N ASP A 43 -8.00 -6.06 -14.00
CA ASP A 43 -8.38 -5.64 -12.66
C ASP A 43 -9.43 -4.54 -12.73
N ARG A 44 -10.26 -4.45 -11.69
CA ARG A 44 -11.31 -3.45 -11.64
C ARG A 44 -10.73 -2.04 -11.73
N TRP A 45 -9.98 -1.64 -10.71
CA TRP A 45 -9.37 -0.32 -10.68
C TRP A 45 -7.90 -0.39 -11.06
N GLY A 46 -7.29 -1.57 -10.87
CA GLY A 46 -5.90 -1.76 -11.19
C GLY A 46 -5.58 -1.38 -12.63
N LYS A 47 -6.58 -1.51 -13.50
CA LYS A 47 -6.40 -1.19 -14.91
C LYS A 47 -6.21 0.32 -15.11
N TYR A 48 -6.84 1.10 -14.23
CA TYR A 48 -6.75 2.56 -14.30
C TYR A 48 -5.29 3.02 -14.23
N ARG A 49 -4.45 2.18 -13.61
CA ARG A 49 -3.03 2.50 -13.47
C ARG A 49 -2.42 2.87 -14.81
N ARG A 50 -2.95 2.27 -15.87
CA ARG A 50 -2.44 2.53 -17.22
C ARG A 50 -2.58 4.00 -17.58
N MET A 51 -3.63 4.64 -17.06
CA MET A 51 -3.88 6.05 -17.32
C MET A 51 -3.22 6.92 -16.25
N LEU A 52 -3.00 6.35 -15.08
CA LEU A 52 -2.39 7.07 -13.97
C LEU A 52 -1.10 7.74 -14.41
N LYS A 53 -0.05 6.94 -14.57
CA LYS A 53 1.26 7.46 -14.99
C LYS A 53 1.19 7.96 -16.43
N ARG A 54 1.29 9.27 -16.60
CA ARG A 54 1.25 9.87 -17.93
C ARG A 54 2.55 9.59 -18.69
N ALA A 55 2.42 9.27 -19.98
CA ALA A 55 3.58 8.98 -20.81
C ALA A 55 4.28 10.26 -21.24
N LEU A 56 3.50 11.21 -21.75
CA LEU A 56 4.05 12.49 -22.20
C LEU A 56 4.55 13.31 -21.02
N LYS A 57 5.71 13.95 -21.19
CA LYS A 57 6.28 14.78 -20.14
C LYS A 57 5.84 16.22 -20.28
N ASN A 58 5.56 16.64 -21.52
CA ASN A 58 5.13 18.00 -21.78
C ASN A 58 3.75 18.27 -21.18
N LYS A 59 3.69 19.24 -20.27
CA LYS A 59 2.44 19.60 -19.62
C LYS A 59 1.67 20.63 -20.44
N ASN A 60 0.45 20.25 -20.85
CA ASN A 60 -0.39 21.15 -21.64
C ASN A 60 -1.53 21.69 -20.80
N LYS A 61 -1.66 23.02 -20.79
CA LYS A 61 -2.72 23.68 -20.02
C LYS A 61 -2.70 23.23 -18.56
N ALA A 62 -1.50 23.02 -18.03
CA ALA A 62 -1.34 22.60 -16.65
C ALA A 62 -1.22 23.80 -15.71
N GLU A 63 -1.90 23.72 -14.57
CA GLU A 63 -1.87 24.80 -13.59
C GLU A 63 -1.16 24.36 -12.31
N GLY A 1 4.79 -7.62 -7.21
CA GLY A 1 5.72 -8.41 -6.43
C GLY A 1 5.08 -8.99 -5.18
N SER A 2 4.90 -10.31 -5.17
CA SER A 2 4.30 -10.98 -4.02
C SER A 2 5.05 -10.65 -2.74
N HIS A 3 6.37 -10.50 -2.84
CA HIS A 3 7.20 -10.18 -1.69
C HIS A 3 6.74 -8.89 -1.02
N MET A 4 6.22 -7.96 -1.84
CA MET A 4 5.74 -6.69 -1.33
C MET A 4 4.56 -6.89 -0.37
N VAL A 5 4.63 -6.22 0.78
CA VAL A 5 3.57 -6.32 1.78
C VAL A 5 3.12 -4.95 2.25
N GLU A 6 1.82 -4.78 2.43
CA GLU A 6 1.26 -3.51 2.88
C GLU A 6 1.49 -3.32 4.38
N MET A 7 1.46 -2.07 4.82
CA MET A 7 1.65 -1.75 6.23
C MET A 7 0.50 -0.91 6.78
N ARG A 8 0.38 -0.86 8.10
CA ARG A 8 -0.68 -0.10 8.74
C ARG A 8 -0.59 1.38 8.39
N MET A 9 0.61 1.82 8.04
CA MET A 9 0.84 3.21 7.68
C MET A 9 0.33 3.50 6.27
N LYS A 10 0.65 4.69 5.76
CA LYS A 10 0.23 5.09 4.43
C LYS A 10 1.40 5.67 3.64
N LYS A 11 1.14 6.04 2.39
CA LYS A 11 2.17 6.62 1.53
C LYS A 11 1.57 7.66 0.59
N CYS A 12 2.36 8.68 0.27
CA CYS A 12 1.90 9.74 -0.62
C CYS A 12 1.82 9.25 -2.06
N PRO A 13 0.61 9.24 -2.62
CA PRO A 13 0.37 8.79 -3.99
C PRO A 13 0.93 9.75 -5.03
N LYS A 14 1.42 10.89 -4.55
CA LYS A 14 1.99 11.90 -5.43
C LYS A 14 3.51 11.74 -5.54
N CYS A 15 4.15 11.52 -4.40
CA CYS A 15 5.60 11.35 -4.37
C CYS A 15 5.97 9.89 -4.07
N GLY A 16 5.47 9.37 -2.95
CA GLY A 16 5.75 8.01 -2.58
C GLY A 16 6.42 7.90 -1.22
N LEU A 17 6.27 8.94 -0.41
CA LEU A 17 6.87 8.96 0.92
C LEU A 17 5.96 8.27 1.94
N TYR A 18 6.55 7.39 2.74
CA TYR A 18 5.80 6.66 3.76
C TYR A 18 5.68 7.48 5.04
N THR A 19 4.54 7.35 5.71
CA THR A 19 4.31 8.07 6.95
C THR A 19 2.97 7.68 7.58
N LEU A 20 2.66 8.28 8.72
CA LEU A 20 1.41 7.98 9.42
C LEU A 20 0.68 9.27 9.79
N LYS A 21 1.22 10.40 9.34
CA LYS A 21 0.61 11.70 9.61
C LYS A 21 -0.55 11.97 8.66
N GLU A 22 -0.79 11.04 7.75
CA GLU A 22 -1.87 11.19 6.79
C GLU A 22 -1.62 12.37 5.86
N ILE A 23 -0.41 12.94 5.94
CA ILE A 23 -0.04 14.08 5.11
C ILE A 23 1.43 14.00 4.70
N CYS A 24 1.72 14.45 3.49
CA CYS A 24 3.08 14.43 2.97
C CYS A 24 3.81 15.72 3.34
N PRO A 25 4.81 15.60 4.24
CA PRO A 25 5.61 16.74 4.69
C PRO A 25 6.52 17.28 3.60
N LYS A 26 6.56 16.59 2.47
CA LYS A 26 7.38 17.01 1.34
C LYS A 26 6.66 18.04 0.48
N CYS A 27 5.54 17.63 -0.10
CA CYS A 27 4.75 18.52 -0.95
C CYS A 27 3.58 19.13 -0.16
N GLY A 28 3.01 18.33 0.73
CA GLY A 28 1.89 18.80 1.53
C GLY A 28 0.57 18.22 1.08
N GLU A 29 0.62 17.02 0.51
CA GLU A 29 -0.59 16.35 0.03
C GLU A 29 -0.93 15.14 0.89
N LYS A 30 -2.21 14.97 1.19
CA LYS A 30 -2.67 13.84 2.00
C LYS A 30 -2.09 12.53 1.49
N THR A 31 -1.76 11.63 2.40
CA THR A 31 -1.20 10.33 2.04
C THR A 31 -2.30 9.27 1.95
N VAL A 32 -2.02 8.21 1.19
CA VAL A 32 -2.97 7.13 1.01
C VAL A 32 -2.31 5.76 1.22
N ILE A 33 -3.08 4.82 1.75
CA ILE A 33 -2.57 3.48 2.00
C ILE A 33 -2.20 2.78 0.70
N PRO A 34 -0.89 2.52 0.52
CA PRO A 34 -0.38 1.86 -0.68
C PRO A 34 -0.77 0.39 -0.74
N LYS A 35 -1.55 0.03 -1.74
CA LYS A 35 -2.00 -1.36 -1.91
C LYS A 35 -1.12 -2.09 -2.91
N PRO A 36 -1.13 -3.43 -2.83
CA PRO A 36 -0.33 -4.28 -3.73
C PRO A 36 -0.85 -4.26 -5.16
N PRO A 37 -0.03 -4.77 -6.09
CA PRO A 37 -0.38 -4.82 -7.51
C PRO A 37 -1.49 -5.83 -7.80
N LYS A 38 -1.75 -6.08 -9.08
CA LYS A 38 -2.78 -7.03 -9.48
C LYS A 38 -2.59 -7.44 -10.94
N PHE A 39 -3.03 -8.64 -11.27
CA PHE A 39 -2.92 -9.16 -12.63
C PHE A 39 -4.04 -8.61 -13.51
N SER A 40 -3.71 -7.61 -14.32
CA SER A 40 -4.69 -7.00 -15.22
C SER A 40 -4.80 -7.77 -16.53
N LEU A 41 -3.72 -8.46 -16.89
CA LEU A 41 -3.69 -9.25 -18.12
C LEU A 41 -4.59 -10.47 -18.01
N GLU A 42 -4.84 -10.91 -16.77
CA GLU A 42 -5.68 -12.07 -16.54
C GLU A 42 -7.12 -11.64 -16.25
N ASP A 43 -7.27 -10.51 -15.57
CA ASP A 43 -8.59 -9.99 -15.22
C ASP A 43 -9.27 -9.39 -16.45
N ARG A 44 -10.37 -9.99 -16.88
CA ARG A 44 -11.11 -9.50 -18.03
C ARG A 44 -11.76 -8.15 -17.73
N TRP A 45 -12.44 -8.06 -16.60
CA TRP A 45 -13.10 -6.83 -16.21
C TRP A 45 -12.22 -6.01 -15.26
N GLY A 46 -10.92 -6.29 -15.27
CA GLY A 46 -9.99 -5.58 -14.42
C GLY A 46 -9.98 -4.09 -14.68
N LYS A 47 -10.27 -3.71 -15.92
CA LYS A 47 -10.29 -2.31 -16.31
C LYS A 47 -11.64 -1.68 -16.00
N TYR A 48 -12.68 -2.50 -15.98
CA TYR A 48 -14.03 -2.02 -15.70
C TYR A 48 -14.16 -1.61 -14.23
N ARG A 49 -13.41 -2.28 -13.36
CA ARG A 49 -13.44 -1.98 -11.93
C ARG A 49 -13.02 -0.55 -11.66
N ARG A 50 -12.06 -0.07 -12.45
CA ARG A 50 -11.55 1.29 -12.30
C ARG A 50 -12.66 2.32 -12.57
N MET A 51 -13.59 1.95 -13.45
CA MET A 51 -14.70 2.83 -13.79
C MET A 51 -15.82 2.73 -12.76
N LEU A 52 -15.99 1.55 -12.19
CA LEU A 52 -17.02 1.33 -11.19
C LEU A 52 -16.82 2.23 -9.98
N LYS A 53 -15.56 2.57 -9.72
CA LYS A 53 -15.21 3.44 -8.59
C LYS A 53 -15.19 4.90 -9.01
N ARG A 54 -14.93 5.79 -8.07
CA ARG A 54 -14.88 7.22 -8.34
C ARG A 54 -13.51 7.79 -7.98
N ALA A 55 -13.09 8.82 -8.71
CA ALA A 55 -11.81 9.47 -8.47
C ALA A 55 -11.78 10.14 -7.10
N LEU A 56 -12.96 10.50 -6.60
CA LEU A 56 -13.07 11.16 -5.30
C LEU A 56 -13.72 10.24 -4.28
N LYS A 57 -13.11 10.15 -3.10
CA LYS A 57 -13.64 9.31 -2.02
C LYS A 57 -14.88 9.93 -1.41
N ASN A 58 -15.98 9.18 -1.41
CA ASN A 58 -17.23 9.65 -0.85
C ASN A 58 -17.91 8.56 -0.02
N LYS A 59 -18.78 8.97 0.89
CA LYS A 59 -19.50 8.04 1.75
C LYS A 59 -20.18 6.95 0.92
N ASN A 60 -19.75 5.71 1.09
CA ASN A 60 -20.32 4.58 0.36
C ASN A 60 -20.78 3.49 1.32
N LYS A 61 -21.78 2.72 0.90
CA LYS A 61 -22.30 1.63 1.72
C LYS A 61 -21.41 0.41 1.63
N ALA A 62 -20.64 0.17 2.69
CA ALA A 62 -19.74 -0.98 2.74
C ALA A 62 -20.42 -2.18 3.38
N GLU A 63 -20.06 -3.38 2.92
CA GLU A 63 -20.64 -4.61 3.45
C GLU A 63 -20.26 -4.79 4.91
#